data_2DU5
#
_entry.id   2DU5
#
_cell.length_a   148.040
_cell.length_b   148.040
_cell.length_c   152.483
_cell.angle_alpha   90.00
_cell.angle_beta   90.00
_cell.angle_gamma   120.00
#
_symmetry.space_group_name_H-M   'P 31 2 1'
#
loop_
_entity.id
_entity.type
_entity.pdbx_description
1 polymer tRNA
2 polymer 'O-phosphoseryl-tRNA synthetase'
3 non-polymer PHOSPHOSERINE
#
loop_
_entity_poly.entity_id
_entity_poly.type
_entity_poly.pdbx_seq_one_letter_code
_entity_poly.pdbx_strand_id
1 'polyribonucleotide' GCCAGGGUGGCAGAGGGGCUUUGCGGCGGACUUCAGAUCCGCUUUACCCCGGUUCGAAUCCGGGCCCUGGC D
2 'polypeptide(L)'
;MKFDPQKYRELAEKDFEAAWKAGKEILAERSPNELYPRVGFSFGKEHPLFATIQRLREAYLSIGFSEVVNPLIVEDVHVK
KQFGREALAVLDRCFYLATLPKPNVGISAEKIRQIEAITKREVDSKPLQEIFHRYKKGEIDGDDLSYLIAEVLDVDDITA
VKILDEVFPEFKELKPISSTLTLRSHMTTGWFITLSHIADKLPLPIKLFSIDRCFRREQGEDATRLYTYFSASCVLVDEE
LSVDDGKAVAEALLRQFGFENFRFRKDEKRSKYYIPDTQTEVFAFHPKLVGSSTKYSDGWIEIATFGIYSPTALAEYDIP
YPVMNLGLGVERLAMILYGYDDVRKMVYPQIHGEIKLSDLDIAREIKVKEVPQTAVGLKIAQSIVETAEKHASEPSPCSF
LAFEGEMMGRNVRVYVVNENENTKLCGPAYANEVVVYKGDIYGIPKTKKWRSFFEEGVPTGIRYIDGFAYYAARKVEEAA
MREQEEVKVKARIVENLSDINLYIHENVRRYILWKKGKIDVRGPLFVTVKAEIE
;
A,B
#
# COMPACT_ATOMS: atom_id res chain seq x y z
N MET B 1 -26.67 -33.60 -0.70
CA MET B 1 -27.93 -33.47 0.09
C MET B 1 -27.67 -33.80 1.56
N LYS B 2 -28.47 -33.23 2.46
CA LYS B 2 -28.28 -33.48 3.88
C LYS B 2 -28.86 -34.82 4.32
N PHE B 3 -28.32 -35.35 5.41
CA PHE B 3 -28.76 -36.62 5.95
C PHE B 3 -29.18 -36.51 7.40
N ASP B 4 -29.24 -37.64 8.09
CA ASP B 4 -29.62 -37.65 9.50
C ASP B 4 -28.56 -38.33 10.34
N PRO B 5 -27.97 -37.60 11.27
CA PRO B 5 -26.93 -38.17 12.15
C PRO B 5 -27.43 -39.42 12.85
N GLN B 6 -28.53 -39.30 13.60
CA GLN B 6 -29.08 -40.43 14.33
C GLN B 6 -29.11 -41.66 13.44
N LYS B 7 -29.93 -41.61 12.39
CA LYS B 7 -30.02 -42.74 11.47
C LYS B 7 -28.62 -43.32 11.19
N TYR B 8 -27.78 -42.56 10.49
CA TYR B 8 -26.43 -43.03 10.17
C TYR B 8 -25.62 -43.51 11.37
N ARG B 9 -25.96 -43.03 12.56
CA ARG B 9 -25.26 -43.48 13.75
C ARG B 9 -25.73 -44.90 14.06
N GLU B 10 -27.03 -45.05 14.21
CA GLU B 10 -27.63 -46.34 14.54
C GLU B 10 -27.52 -47.42 13.47
N LEU B 11 -27.01 -47.05 12.30
CA LEU B 11 -26.81 -48.02 11.23
C LEU B 11 -25.32 -48.34 11.18
N ALA B 12 -24.50 -47.39 11.59
CA ALA B 12 -23.07 -47.59 11.60
C ALA B 12 -22.65 -48.38 12.82
N GLU B 13 -23.34 -48.14 13.94
CA GLU B 13 -23.05 -48.82 15.20
C GLU B 13 -23.21 -50.32 15.04
N LYS B 14 -24.00 -50.74 14.05
CA LYS B 14 -24.23 -52.15 13.80
C LYS B 14 -23.48 -52.60 12.54
N ASP B 15 -24.02 -52.26 11.38
CA ASP B 15 -23.43 -52.63 10.09
C ASP B 15 -22.67 -51.47 9.46
N PHE B 16 -21.42 -51.29 9.89
CA PHE B 16 -20.58 -50.21 9.39
C PHE B 16 -20.45 -50.19 7.87
N GLU B 17 -19.65 -51.09 7.31
CA GLU B 17 -19.43 -51.15 5.86
C GLU B 17 -20.67 -50.78 5.05
N ALA B 18 -21.86 -51.13 5.56
CA ALA B 18 -23.10 -50.84 4.85
C ALA B 18 -23.45 -49.38 4.92
N ALA B 19 -23.14 -48.75 6.05
CA ALA B 19 -23.40 -47.34 6.23
C ALA B 19 -22.44 -46.62 5.31
N TRP B 20 -21.17 -46.99 5.40
CA TRP B 20 -20.11 -46.40 4.60
C TRP B 20 -20.52 -46.26 3.14
N LYS B 21 -20.71 -47.40 2.47
CA LYS B 21 -21.11 -47.40 1.07
C LYS B 21 -22.36 -46.56 0.85
N ALA B 22 -23.24 -46.53 1.84
CA ALA B 22 -24.48 -45.77 1.75
C ALA B 22 -24.23 -44.27 1.76
N GLY B 23 -22.98 -43.87 1.98
CA GLY B 23 -22.65 -42.46 2.02
C GLY B 23 -22.86 -41.76 0.69
N LYS B 24 -22.40 -42.38 -0.38
CA LYS B 24 -22.53 -41.83 -1.72
C LYS B 24 -23.85 -41.12 -2.00
N GLU B 25 -24.87 -41.41 -1.21
CA GLU B 25 -26.17 -40.79 -1.42
C GLU B 25 -26.19 -39.32 -1.09
N ILE B 26 -25.25 -38.87 -0.25
CA ILE B 26 -25.20 -37.46 0.13
C ILE B 26 -24.43 -36.56 -0.82
N LEU B 27 -23.60 -37.15 -1.67
CA LEU B 27 -22.83 -36.37 -2.63
C LEU B 27 -23.83 -35.85 -3.68
N ALA B 28 -23.43 -34.83 -4.43
CA ALA B 28 -24.34 -34.27 -5.43
C ALA B 28 -24.02 -34.80 -6.81
N GLU B 29 -25.04 -34.91 -7.66
CA GLU B 29 -24.83 -35.39 -9.02
C GLU B 29 -24.68 -34.16 -9.90
N ARG B 30 -23.45 -33.72 -10.08
CA ARG B 30 -23.16 -32.54 -10.88
C ARG B 30 -23.42 -32.78 -12.37
N SER B 31 -23.99 -31.77 -13.03
CA SER B 31 -24.27 -31.84 -14.46
C SER B 31 -22.94 -31.47 -15.14
N PRO B 32 -22.91 -31.40 -16.48
CA PRO B 32 -21.66 -31.05 -17.16
C PRO B 32 -20.96 -29.74 -16.76
N ASN B 33 -21.72 -28.64 -16.74
CA ASN B 33 -21.13 -27.35 -16.38
C ASN B 33 -21.03 -27.14 -14.87
N GLU B 34 -20.93 -28.24 -14.14
CA GLU B 34 -20.81 -28.18 -12.69
C GLU B 34 -19.61 -29.01 -12.24
N LEU B 35 -18.88 -29.55 -13.21
CA LEU B 35 -17.69 -30.35 -12.95
C LEU B 35 -16.39 -29.59 -13.20
N TYR B 36 -15.32 -30.07 -12.59
CA TYR B 36 -14.00 -29.45 -12.77
C TYR B 36 -13.56 -29.82 -14.18
N PRO B 37 -12.92 -28.89 -14.89
CA PRO B 37 -12.59 -27.52 -14.46
C PRO B 37 -13.67 -26.47 -14.72
N ARG B 38 -14.79 -26.88 -15.31
CA ARG B 38 -15.88 -25.94 -15.59
C ARG B 38 -16.26 -25.07 -14.39
N VAL B 39 -15.77 -25.44 -13.22
CA VAL B 39 -16.04 -24.67 -12.01
C VAL B 39 -14.72 -24.39 -11.32
N GLY B 40 -14.65 -23.24 -10.65
CA GLY B 40 -13.42 -22.89 -9.96
C GLY B 40 -13.53 -21.65 -9.10
N PHE B 41 -12.67 -21.58 -8.08
CA PHE B 41 -12.64 -20.43 -7.19
C PHE B 41 -11.69 -19.43 -7.84
N SER B 42 -11.79 -18.18 -7.42
CA SER B 42 -10.92 -17.13 -7.95
C SER B 42 -10.27 -16.37 -6.82
N PHE B 43 -9.15 -15.72 -7.12
CA PHE B 43 -8.41 -14.93 -6.14
C PHE B 43 -7.76 -13.77 -6.87
N GLY B 44 -7.59 -12.64 -6.19
CA GLY B 44 -6.97 -11.50 -6.83
C GLY B 44 -5.46 -11.56 -6.85
N LYS B 45 -4.83 -10.94 -7.84
CA LYS B 45 -3.37 -10.93 -7.93
C LYS B 45 -2.82 -9.51 -7.69
N GLU B 46 -1.61 -9.44 -7.14
CA GLU B 46 -0.97 -8.15 -6.85
C GLU B 46 -0.24 -7.64 -8.06
N HIS B 47 -0.05 -6.34 -8.15
CA HIS B 47 0.70 -5.83 -9.26
C HIS B 47 2.14 -5.81 -8.81
N PRO B 48 3.07 -6.24 -9.66
CA PRO B 48 4.48 -6.27 -9.30
C PRO B 48 5.04 -4.98 -8.71
N LEU B 49 4.77 -3.86 -9.38
CA LEU B 49 5.25 -2.57 -8.92
C LEU B 49 4.88 -2.35 -7.46
N PHE B 50 3.59 -2.42 -7.18
CA PHE B 50 3.10 -2.22 -5.84
C PHE B 50 3.65 -3.23 -4.86
N ALA B 51 3.73 -4.47 -5.31
CA ALA B 51 4.27 -5.56 -4.49
C ALA B 51 5.65 -5.17 -4.01
N THR B 52 6.51 -4.82 -4.96
CA THR B 52 7.88 -4.41 -4.66
C THR B 52 7.89 -3.27 -3.66
N ILE B 53 7.06 -2.27 -3.89
CA ILE B 53 6.98 -1.13 -3.00
C ILE B 53 6.72 -1.57 -1.57
N GLN B 54 5.80 -2.52 -1.39
CA GLN B 54 5.46 -3.02 -0.06
C GLN B 54 6.66 -3.66 0.59
N ARG B 55 7.41 -4.42 -0.19
CA ARG B 55 8.60 -5.08 0.31
C ARG B 55 9.56 -3.96 0.74
N LEU B 56 9.79 -3.00 -0.13
CA LEU B 56 10.67 -1.89 0.20
C LEU B 56 10.30 -1.31 1.56
N ARG B 57 9.00 -1.07 1.78
CA ARG B 57 8.57 -0.52 3.06
C ARG B 57 9.13 -1.37 4.19
N GLU B 58 8.80 -2.66 4.16
CA GLU B 58 9.28 -3.56 5.19
C GLU B 58 10.80 -3.47 5.28
N ALA B 59 11.48 -3.61 4.14
CA ALA B 59 12.94 -3.54 4.13
C ALA B 59 13.50 -2.33 4.85
N TYR B 60 12.92 -1.17 4.61
CA TYR B 60 13.40 0.02 5.28
C TYR B 60 13.09 -0.08 6.76
N LEU B 61 11.83 -0.35 7.06
CA LEU B 61 11.40 -0.49 8.44
C LEU B 61 12.30 -1.45 9.18
N SER B 62 12.63 -2.56 8.52
CA SER B 62 13.46 -3.58 9.12
C SER B 62 14.87 -3.10 9.47
N ILE B 63 15.31 -1.99 8.88
CA ILE B 63 16.64 -1.47 9.20
C ILE B 63 16.65 -0.14 9.95
N GLY B 64 15.60 0.13 10.71
CA GLY B 64 15.56 1.33 11.52
C GLY B 64 14.98 2.63 11.01
N PHE B 65 14.64 2.69 9.74
CA PHE B 65 14.09 3.90 9.17
C PHE B 65 12.59 3.98 9.36
N SER B 66 12.08 5.19 9.59
CA SER B 66 10.66 5.38 9.80
C SER B 66 10.00 6.09 8.63
N GLU B 67 8.82 5.60 8.28
CA GLU B 67 8.05 6.12 7.16
C GLU B 67 7.68 7.59 7.32
N VAL B 68 7.43 8.25 6.20
CA VAL B 68 7.10 9.65 6.20
C VAL B 68 6.49 10.06 4.87
N VAL B 69 5.80 11.19 4.84
CA VAL B 69 5.21 11.66 3.59
C VAL B 69 5.74 13.03 3.24
N ASN B 70 6.71 13.09 2.34
CA ASN B 70 7.31 14.35 1.94
C ASN B 70 6.37 15.13 1.02
N PRO B 71 6.59 16.45 0.92
CA PRO B 71 5.78 17.34 0.08
C PRO B 71 5.97 17.00 -1.39
N LEU B 72 4.88 16.80 -2.11
CA LEU B 72 4.98 16.44 -3.52
C LEU B 72 4.94 17.65 -4.45
N ILE B 73 3.93 18.51 -4.31
CA ILE B 73 3.86 19.72 -5.15
C ILE B 73 4.59 20.84 -4.44
N VAL B 74 5.62 21.39 -5.08
CA VAL B 74 6.39 22.45 -4.45
C VAL B 74 6.78 23.59 -5.38
N GLU B 75 7.12 24.72 -4.75
CA GLU B 75 7.55 25.92 -5.47
C GLU B 75 8.97 25.74 -5.98
N ASP B 76 9.17 25.96 -7.28
CA ASP B 76 10.51 25.79 -7.87
C ASP B 76 11.57 26.58 -7.14
N VAL B 77 11.16 27.54 -6.33
CA VAL B 77 12.13 28.32 -5.57
C VAL B 77 13.01 27.35 -4.79
N HIS B 78 12.40 26.26 -4.33
CA HIS B 78 13.10 25.23 -3.57
C HIS B 78 14.21 24.59 -4.37
N VAL B 79 13.92 24.29 -5.63
CA VAL B 79 14.92 23.69 -6.51
C VAL B 79 16.07 24.68 -6.64
N LYS B 80 15.74 25.92 -6.96
CA LYS B 80 16.73 26.99 -7.12
C LYS B 80 17.57 27.10 -5.85
N LYS B 81 16.98 26.75 -4.72
CA LYS B 81 17.68 26.80 -3.43
C LYS B 81 18.62 25.62 -3.28
N GLN B 82 18.24 24.50 -3.90
CA GLN B 82 19.02 23.27 -3.80
C GLN B 82 20.09 23.02 -4.86
N PHE B 83 20.05 23.73 -5.98
CA PHE B 83 21.04 23.55 -7.02
C PHE B 83 21.83 24.82 -7.33
N GLY B 84 21.64 25.85 -6.52
CA GLY B 84 22.35 27.09 -6.75
C GLY B 84 22.13 27.61 -8.16
N ARG B 85 23.21 27.68 -8.93
CA ARG B 85 23.15 28.18 -10.30
C ARG B 85 22.62 27.15 -11.30
N GLU B 86 23.13 25.92 -11.21
CA GLU B 86 22.72 24.85 -12.12
C GLU B 86 21.22 24.54 -12.01
N ALA B 87 20.55 25.25 -11.12
CA ALA B 87 19.11 25.06 -10.92
C ALA B 87 18.30 25.13 -12.20
N LEU B 88 18.85 25.77 -13.23
CA LEU B 88 18.15 25.89 -14.51
C LEU B 88 18.10 24.57 -15.26
N ALA B 89 19.25 23.93 -15.39
CA ALA B 89 19.33 22.65 -16.10
C ALA B 89 18.26 21.70 -15.63
N VAL B 90 17.95 21.77 -14.34
CA VAL B 90 16.94 20.91 -13.73
C VAL B 90 15.51 21.28 -14.08
N LEU B 91 15.05 22.40 -13.54
CA LEU B 91 13.69 22.87 -13.77
C LEU B 91 13.16 22.71 -15.20
N ASP B 92 14.04 22.40 -16.15
CA ASP B 92 13.63 22.20 -17.53
C ASP B 92 13.15 20.78 -17.73
N ARG B 93 13.65 19.87 -16.89
CA ARG B 93 13.26 18.47 -16.97
C ARG B 93 12.06 18.23 -16.07
N CYS B 94 11.58 19.30 -15.45
CA CYS B 94 10.43 19.24 -14.53
C CYS B 94 9.12 19.73 -15.16
N PHE B 95 8.01 19.35 -14.53
CA PHE B 95 6.69 19.77 -14.98
C PHE B 95 6.19 20.90 -14.09
N TYR B 96 5.47 21.86 -14.68
CA TYR B 96 4.90 22.96 -13.90
C TYR B 96 3.38 22.77 -13.91
N LEU B 97 2.71 23.22 -12.87
CA LEU B 97 1.27 23.05 -12.80
C LEU B 97 0.49 24.24 -13.33
N ALA B 98 -0.11 24.06 -14.49
CA ALA B 98 -0.91 25.09 -15.15
C ALA B 98 -2.37 24.82 -14.82
N THR B 99 -3.20 25.86 -14.89
CA THR B 99 -4.62 25.71 -14.58
C THR B 99 -5.49 26.67 -15.37
N LEU B 100 -6.73 26.27 -15.66
CA LEU B 100 -7.66 27.11 -16.41
C LEU B 100 -8.23 28.28 -15.63
N PRO B 101 -8.10 29.50 -16.18
CA PRO B 101 -8.62 30.69 -15.51
C PRO B 101 -10.12 30.80 -15.79
N LYS B 102 -10.82 31.64 -15.05
CA LYS B 102 -12.26 31.81 -15.22
C LYS B 102 -12.62 32.72 -16.39
N PRO B 103 -13.70 32.39 -17.12
CA PRO B 103 -14.17 33.16 -18.28
C PRO B 103 -14.68 34.55 -17.89
N ASN B 104 -13.79 35.53 -17.89
CA ASN B 104 -14.15 36.90 -17.55
C ASN B 104 -15.40 37.34 -18.30
N VAL B 105 -16.53 37.34 -17.62
CA VAL B 105 -17.79 37.75 -18.23
C VAL B 105 -18.02 39.25 -18.03
N GLY B 106 -16.94 40.02 -18.16
CA GLY B 106 -17.03 41.47 -17.99
C GLY B 106 -15.85 42.19 -18.61
N ILE B 107 -16.01 43.47 -18.90
CA ILE B 107 -14.96 44.29 -19.49
C ILE B 107 -14.66 43.88 -20.94
N SER B 108 -13.69 42.98 -21.10
CA SER B 108 -13.29 42.50 -22.42
C SER B 108 -14.47 42.03 -23.27
N ALA B 109 -15.31 41.17 -22.70
CA ALA B 109 -16.48 40.64 -23.40
C ALA B 109 -17.80 41.09 -22.78
N GLU B 110 -17.82 42.31 -22.24
CA GLU B 110 -19.02 42.86 -21.63
C GLU B 110 -19.52 44.03 -22.49
N LYS B 111 -18.58 44.84 -22.96
CA LYS B 111 -18.88 45.99 -23.80
C LYS B 111 -19.49 45.52 -25.12
N ILE B 112 -18.79 44.60 -25.77
CA ILE B 112 -19.24 44.05 -27.05
C ILE B 112 -20.27 42.96 -26.81
N ARG B 113 -20.85 42.94 -25.60
CA ARG B 113 -21.84 41.95 -25.23
C ARG B 113 -23.20 42.60 -24.94
N GLN B 114 -23.17 43.73 -24.26
CA GLN B 114 -24.41 44.44 -23.92
C GLN B 114 -24.72 45.49 -25.00
N ILE B 115 -24.26 45.21 -26.21
CA ILE B 115 -24.49 46.08 -27.36
C ILE B 115 -25.42 45.32 -28.31
N GLU B 116 -25.53 44.01 -28.10
CA GLU B 116 -26.38 43.15 -28.92
C GLU B 116 -27.51 42.58 -28.07
N ALA B 117 -28.15 41.52 -28.58
CA ALA B 117 -29.25 40.87 -27.87
C ALA B 117 -28.69 39.73 -27.00
N ILE B 118 -28.42 40.05 -25.74
CA ILE B 118 -27.87 39.09 -24.79
C ILE B 118 -28.43 37.68 -24.94
N THR B 119 -29.61 37.43 -24.36
CA THR B 119 -30.22 36.12 -24.43
C THR B 119 -31.55 36.14 -25.18
N LYS B 120 -31.88 35.02 -25.82
CA LYS B 120 -33.12 34.88 -26.57
C LYS B 120 -33.94 33.68 -26.09
N ARG B 121 -33.31 32.52 -26.01
CA ARG B 121 -34.00 31.30 -25.56
C ARG B 121 -34.71 31.57 -24.23
N GLU B 122 -36.03 31.69 -24.27
CA GLU B 122 -36.83 31.97 -23.09
C GLU B 122 -36.28 31.34 -21.81
N VAL B 123 -35.66 32.19 -20.99
CA VAL B 123 -35.09 31.77 -19.71
C VAL B 123 -35.38 32.84 -18.67
N ASP B 124 -35.43 34.09 -19.11
CA ASP B 124 -35.72 35.21 -18.23
C ASP B 124 -34.97 35.10 -16.90
N SER B 125 -35.72 35.15 -15.80
CA SER B 125 -35.15 35.06 -14.46
C SER B 125 -34.15 36.18 -14.19
N LYS B 126 -34.46 36.99 -13.18
CA LYS B 126 -33.63 38.14 -12.78
C LYS B 126 -32.16 37.99 -13.16
N PRO B 127 -31.55 39.06 -13.66
CA PRO B 127 -30.14 39.10 -14.07
C PRO B 127 -29.18 38.45 -13.07
N LEU B 128 -28.72 37.25 -13.39
CA LEU B 128 -27.78 36.53 -12.53
C LEU B 128 -26.39 37.13 -12.70
N GLN B 129 -26.34 38.45 -12.86
CA GLN B 129 -25.09 39.16 -13.02
C GLN B 129 -24.27 39.01 -11.74
N GLU B 130 -24.93 38.52 -10.68
CA GLU B 130 -24.27 38.31 -9.41
C GLU B 130 -23.92 36.84 -9.18
N ILE B 131 -24.87 35.95 -9.45
CA ILE B 131 -24.65 34.51 -9.29
C ILE B 131 -23.57 34.03 -10.26
N PHE B 132 -23.46 34.71 -11.40
CA PHE B 132 -22.47 34.37 -12.40
C PHE B 132 -21.18 35.12 -12.08
N HIS B 133 -21.26 36.02 -11.10
CA HIS B 133 -20.12 36.82 -10.66
C HIS B 133 -19.36 36.04 -9.59
N ARG B 134 -20.10 35.27 -8.79
CA ARG B 134 -19.49 34.47 -7.73
C ARG B 134 -18.57 33.43 -8.38
N TYR B 135 -18.68 33.31 -9.70
CA TYR B 135 -17.88 32.37 -10.46
C TYR B 135 -16.46 32.94 -10.60
N LYS B 136 -16.36 34.26 -10.47
CA LYS B 136 -15.07 34.93 -10.56
C LYS B 136 -14.43 35.05 -9.19
N LYS B 137 -15.23 34.84 -8.15
CA LYS B 137 -14.75 34.91 -6.78
C LYS B 137 -14.37 33.52 -6.29
N GLY B 138 -15.27 32.55 -6.44
CA GLY B 138 -14.98 31.20 -6.00
C GLY B 138 -16.05 30.17 -6.29
N GLU B 139 -15.76 29.27 -7.24
CA GLU B 139 -16.68 28.20 -7.62
C GLU B 139 -15.96 26.86 -7.69
N ILE B 140 -16.70 25.81 -8.06
CA ILE B 140 -16.12 24.47 -8.15
C ILE B 140 -16.59 23.67 -9.36
N ASP B 141 -16.69 22.35 -9.18
CA ASP B 141 -17.12 21.44 -10.24
C ASP B 141 -18.61 21.13 -10.15
N GLY B 142 -19.04 20.61 -9.01
CA GLY B 142 -20.44 20.28 -8.81
C GLY B 142 -21.29 21.50 -8.51
N ASP B 143 -20.81 22.66 -8.97
CA ASP B 143 -21.53 23.92 -8.78
C ASP B 143 -22.43 24.17 -9.97
N ASP B 144 -22.38 23.28 -10.95
CA ASP B 144 -23.19 23.38 -12.15
C ASP B 144 -24.62 22.96 -11.84
N LEU B 145 -24.79 22.27 -10.71
CA LEU B 145 -26.10 21.81 -10.24
C LEU B 145 -26.57 22.81 -9.19
N SER B 146 -26.17 24.07 -9.36
CA SER B 146 -26.53 25.15 -8.45
C SER B 146 -27.11 26.34 -9.19
N TYR B 147 -26.50 26.67 -10.34
CA TYR B 147 -26.96 27.79 -11.14
C TYR B 147 -27.76 27.32 -12.35
N LEU B 148 -28.74 26.46 -12.08
CA LEU B 148 -29.62 25.93 -13.12
C LEU B 148 -30.78 25.23 -12.44
N ILE B 149 -30.49 24.11 -11.78
CA ILE B 149 -31.51 23.33 -11.07
C ILE B 149 -32.19 24.23 -10.03
N ALA B 150 -31.43 25.17 -9.49
CA ALA B 150 -31.94 26.10 -8.49
C ALA B 150 -31.63 27.54 -8.91
N GLU B 151 -32.21 27.95 -10.04
CA GLU B 151 -32.00 29.29 -10.57
C GLU B 151 -33.01 29.59 -11.67
N VAL B 152 -32.78 29.01 -12.84
CA VAL B 152 -33.66 29.21 -13.98
C VAL B 152 -34.43 27.93 -14.30
N LEU B 153 -34.94 27.28 -13.27
CA LEU B 153 -35.69 26.04 -13.44
C LEU B 153 -34.83 24.99 -14.11
N ASP B 154 -35.46 23.89 -14.57
CA ASP B 154 -34.75 22.80 -15.22
C ASP B 154 -33.84 22.10 -14.21
N VAL B 155 -34.16 20.85 -13.90
CA VAL B 155 -33.40 20.07 -12.93
C VAL B 155 -31.93 19.87 -13.30
N ASP B 156 -31.14 19.50 -12.29
CA ASP B 156 -29.70 19.27 -12.42
C ASP B 156 -29.05 19.89 -13.66
N ASP B 157 -28.68 19.04 -14.62
CA ASP B 157 -28.04 19.52 -15.84
C ASP B 157 -28.78 19.07 -17.10
N ILE B 158 -30.10 19.16 -17.08
CA ILE B 158 -30.92 18.77 -18.23
C ILE B 158 -30.77 19.82 -19.32
N THR B 159 -30.37 21.02 -18.92
CA THR B 159 -30.20 22.14 -19.83
C THR B 159 -29.02 23.00 -19.39
N ALA B 160 -28.45 22.65 -18.24
CA ALA B 160 -27.34 23.39 -17.66
C ALA B 160 -26.09 23.40 -18.55
N VAL B 161 -25.79 22.27 -19.18
CA VAL B 161 -24.62 22.16 -20.04
C VAL B 161 -24.73 22.91 -21.36
N LYS B 162 -25.83 22.68 -22.09
CA LYS B 162 -26.04 23.31 -23.38
C LYS B 162 -26.29 24.82 -23.31
N ILE B 163 -26.94 25.27 -22.25
CA ILE B 163 -27.20 26.70 -22.09
C ILE B 163 -25.87 27.42 -22.01
N LEU B 164 -24.80 26.65 -21.78
CA LEU B 164 -23.45 27.18 -21.67
C LEU B 164 -22.75 27.04 -23.02
N ASP B 165 -23.20 26.08 -23.82
CA ASP B 165 -22.62 25.81 -25.13
C ASP B 165 -23.19 26.67 -26.27
N GLU B 166 -24.52 26.73 -26.37
CA GLU B 166 -25.15 27.49 -27.43
C GLU B 166 -25.39 28.96 -27.10
N VAL B 167 -25.11 29.37 -25.86
CA VAL B 167 -25.32 30.76 -25.46
C VAL B 167 -24.01 31.45 -25.08
N PHE B 168 -23.00 30.65 -24.72
CA PHE B 168 -21.71 31.22 -24.32
C PHE B 168 -20.49 30.54 -24.94
N PRO B 169 -20.03 31.05 -26.10
CA PRO B 169 -18.85 30.48 -26.77
C PRO B 169 -17.55 30.86 -26.06
N GLU B 170 -17.66 31.67 -25.01
CA GLU B 170 -16.50 32.13 -24.23
C GLU B 170 -15.76 30.97 -23.58
N PHE B 171 -16.50 29.95 -23.17
CA PHE B 171 -15.91 28.80 -22.51
C PHE B 171 -14.91 28.05 -23.41
N LYS B 172 -15.09 28.16 -24.72
CA LYS B 172 -14.20 27.48 -25.66
C LYS B 172 -13.01 28.37 -26.05
N GLU B 173 -12.62 29.25 -25.14
CA GLU B 173 -11.49 30.17 -25.37
C GLU B 173 -10.54 30.12 -24.19
N LEU B 174 -10.69 29.11 -23.35
CA LEU B 174 -9.85 28.95 -22.17
C LEU B 174 -8.54 28.23 -22.47
N LYS B 175 -7.48 28.65 -21.81
CA LYS B 175 -6.16 28.04 -21.98
C LYS B 175 -5.45 28.01 -20.63
N PRO B 176 -4.90 26.85 -20.25
CA PRO B 176 -4.21 26.75 -18.96
C PRO B 176 -3.10 27.80 -18.77
N ILE B 177 -2.97 28.29 -17.54
CA ILE B 177 -1.97 29.29 -17.20
C ILE B 177 -0.92 28.68 -16.29
N SER B 178 0.34 28.74 -16.71
CA SER B 178 1.45 28.17 -15.93
C SER B 178 1.50 28.80 -14.55
N SER B 179 2.45 28.34 -13.74
CA SER B 179 2.61 28.87 -12.38
C SER B 179 4.02 28.58 -11.88
N THR B 180 4.26 28.90 -10.61
CA THR B 180 5.57 28.68 -10.01
C THR B 180 5.59 27.32 -9.30
N LEU B 181 4.47 26.62 -9.38
CA LEU B 181 4.33 25.31 -8.75
C LEU B 181 4.77 24.15 -9.64
N THR B 182 5.43 23.18 -9.04
CA THR B 182 5.92 22.03 -9.78
C THR B 182 5.74 20.68 -9.08
N LEU B 183 6.10 19.63 -9.81
CA LEU B 183 6.02 18.26 -9.32
C LEU B 183 7.44 17.73 -9.20
N ARG B 184 7.88 17.52 -7.97
CA ARG B 184 9.22 17.02 -7.65
C ARG B 184 9.78 16.01 -8.65
N SER B 185 11.04 16.18 -9.03
CA SER B 185 11.70 15.27 -9.97
C SER B 185 12.32 14.12 -9.20
N HIS B 186 12.46 14.29 -7.89
CA HIS B 186 13.01 13.26 -7.00
C HIS B 186 12.69 13.57 -5.54
N MET B 187 12.56 12.51 -4.74
CA MET B 187 12.24 12.66 -3.33
C MET B 187 13.08 13.72 -2.63
N THR B 188 14.30 13.92 -3.10
CA THR B 188 15.17 14.90 -2.47
C THR B 188 14.59 16.29 -2.36
N THR B 189 13.94 16.77 -3.42
CA THR B 189 13.35 18.10 -3.42
C THR B 189 12.45 18.31 -2.20
N GLY B 190 11.74 17.26 -1.79
CA GLY B 190 10.85 17.35 -0.65
C GLY B 190 11.51 17.05 0.69
N TRP B 191 12.68 16.42 0.66
CA TRP B 191 13.36 16.10 1.91
C TRP B 191 13.80 17.34 2.66
N PHE B 192 14.30 18.35 1.94
CA PHE B 192 14.77 19.57 2.58
C PHE B 192 13.69 20.27 3.39
N ILE B 193 12.50 20.36 2.84
CA ILE B 193 11.38 20.97 3.52
C ILE B 193 11.06 20.18 4.80
N THR B 194 10.84 18.88 4.64
CA THR B 194 10.54 18.02 5.79
C THR B 194 11.61 18.04 6.86
N LEU B 195 12.87 17.91 6.46
CA LEU B 195 13.97 17.92 7.42
C LEU B 195 14.12 19.28 8.08
N SER B 196 13.80 20.34 7.34
CA SER B 196 13.92 21.68 7.88
C SER B 196 13.14 21.78 9.19
N HIS B 197 11.95 21.19 9.21
CA HIS B 197 11.10 21.23 10.39
C HIS B 197 11.49 20.36 11.60
N ILE B 198 12.44 19.44 11.44
CA ILE B 198 12.78 18.57 12.57
C ILE B 198 14.24 18.21 12.80
N ALA B 199 15.09 18.51 11.83
CA ALA B 199 16.51 18.17 11.91
C ALA B 199 17.19 18.48 13.24
N ASP B 200 16.58 19.33 14.06
CA ASP B 200 17.19 19.66 15.35
C ASP B 200 16.26 19.48 16.56
N LYS B 201 15.00 19.15 16.31
CA LYS B 201 14.04 18.98 17.39
C LYS B 201 13.90 17.52 17.79
N LEU B 202 14.46 16.61 16.99
CA LEU B 202 14.37 15.20 17.31
C LEU B 202 15.74 14.61 17.63
N PRO B 203 15.76 13.55 18.44
CA PRO B 203 17.01 12.90 18.82
C PRO B 203 17.75 12.28 17.65
N LEU B 204 19.06 12.41 17.66
CA LEU B 204 19.88 11.85 16.60
C LEU B 204 20.36 10.45 16.98
N PRO B 205 20.57 9.58 15.99
CA PRO B 205 20.41 9.82 14.54
C PRO B 205 18.96 9.82 14.11
N ILE B 206 18.69 10.49 12.99
CA ILE B 206 17.35 10.57 12.45
C ILE B 206 17.31 9.70 11.20
N LYS B 207 16.44 8.69 11.19
CA LYS B 207 16.32 7.80 10.05
C LYS B 207 14.89 7.83 9.51
N LEU B 208 14.72 8.44 8.35
CA LEU B 208 13.41 8.57 7.72
C LEU B 208 13.42 8.00 6.31
N PHE B 209 12.28 7.45 5.90
CA PHE B 209 12.17 6.88 4.56
C PHE B 209 10.80 7.18 3.97
N SER B 210 10.71 7.17 2.65
CA SER B 210 9.44 7.39 1.98
C SER B 210 9.47 6.83 0.55
N ILE B 211 8.43 6.07 0.19
CA ILE B 211 8.35 5.48 -1.15
C ILE B 211 7.13 6.07 -1.84
N ASP B 212 7.34 7.14 -2.58
CA ASP B 212 6.24 7.82 -3.26
C ASP B 212 6.57 8.19 -4.70
N ARG B 213 5.55 8.67 -5.41
CA ARG B 213 5.68 9.07 -6.80
C ARG B 213 6.45 10.36 -6.98
N CYS B 214 6.97 10.53 -8.19
CA CYS B 214 7.72 11.71 -8.58
C CYS B 214 7.47 11.87 -10.07
N PHE B 215 7.81 13.03 -10.62
CA PHE B 215 7.57 13.26 -12.03
C PHE B 215 8.78 13.85 -12.71
N ARG B 216 8.92 13.58 -14.00
CA ARG B 216 10.06 14.06 -14.76
C ARG B 216 9.87 13.82 -16.24
N ARG B 217 10.25 14.80 -17.04
CA ARG B 217 10.14 14.67 -18.49
C ARG B 217 11.50 14.23 -19.00
N GLU B 218 11.49 13.45 -20.07
CA GLU B 218 12.73 12.98 -20.68
C GLU B 218 12.49 12.67 -22.15
N GLN B 219 12.75 13.66 -22.99
CA GLN B 219 12.55 13.54 -24.42
C GLN B 219 11.10 13.15 -24.72
N GLY B 220 10.22 13.42 -23.76
CA GLY B 220 8.81 13.12 -23.92
C GLY B 220 8.54 11.79 -24.60
N GLU B 221 9.23 10.74 -24.13
CA GLU B 221 9.08 9.41 -24.70
C GLU B 221 8.90 8.36 -23.60
N ASP B 222 8.33 7.22 -23.97
CA ASP B 222 8.09 6.13 -23.03
C ASP B 222 9.16 5.05 -23.21
N ALA B 223 9.66 4.92 -24.43
CA ALA B 223 10.69 3.94 -24.76
C ALA B 223 12.07 4.44 -24.37
N THR B 224 12.13 5.66 -23.83
CA THR B 224 13.38 6.26 -23.40
C THR B 224 13.32 6.58 -21.91
N ARG B 225 12.12 6.80 -21.40
CA ARG B 225 11.91 7.12 -19.99
C ARG B 225 10.41 7.12 -19.67
N LEU B 226 10.07 7.43 -18.43
CA LEU B 226 8.67 7.48 -17.98
C LEU B 226 8.35 8.83 -17.37
N TYR B 227 7.12 9.30 -17.59
CA TYR B 227 6.66 10.59 -17.07
C TYR B 227 6.60 10.62 -15.54
N THR B 228 6.09 9.54 -14.95
CA THR B 228 5.99 9.43 -13.51
C THR B 228 6.63 8.14 -13.06
N TYR B 229 7.26 8.17 -11.89
CA TYR B 229 7.92 6.97 -11.38
C TYR B 229 7.84 6.91 -9.86
N PHE B 230 8.50 5.93 -9.28
CA PHE B 230 8.52 5.78 -7.84
C PHE B 230 9.94 5.81 -7.32
N SER B 231 10.14 6.45 -6.19
CA SER B 231 11.46 6.50 -5.58
C SER B 231 11.38 6.04 -4.14
N ALA B 232 12.12 4.97 -3.83
CA ALA B 232 12.14 4.47 -2.46
C ALA B 232 13.34 5.16 -1.85
N SER B 233 13.13 6.37 -1.35
CA SER B 233 14.19 7.17 -0.76
C SER B 233 14.26 7.16 0.75
N CYS B 234 15.40 7.59 1.27
CA CYS B 234 15.62 7.66 2.70
C CYS B 234 16.70 8.68 3.01
N VAL B 235 16.67 9.21 4.24
CA VAL B 235 17.65 10.21 4.65
C VAL B 235 18.14 9.86 6.05
N LEU B 236 19.46 9.98 6.25
CA LEU B 236 20.07 9.67 7.53
C LEU B 236 20.64 10.95 8.06
N VAL B 237 20.19 11.36 9.25
CA VAL B 237 20.68 12.60 9.84
C VAL B 237 21.43 12.32 11.12
N ASP B 238 22.69 12.73 11.16
CA ASP B 238 23.54 12.53 12.33
C ASP B 238 24.65 13.58 12.32
N GLU B 239 25.43 13.65 13.40
CA GLU B 239 26.51 14.63 13.48
C GLU B 239 27.64 14.26 12.52
N GLU B 240 28.16 13.05 12.67
CA GLU B 240 29.24 12.56 11.82
C GLU B 240 28.67 11.66 10.72
N LEU B 241 29.12 11.86 9.49
CA LEU B 241 28.67 11.07 8.36
C LEU B 241 29.73 10.96 7.28
N SER B 242 29.70 9.86 6.56
CA SER B 242 30.65 9.61 5.48
C SER B 242 30.01 8.65 4.50
N VAL B 243 30.48 8.65 3.26
CA VAL B 243 29.92 7.78 2.25
C VAL B 243 29.75 6.36 2.77
N ASP B 244 30.54 5.98 3.77
CA ASP B 244 30.43 4.64 4.34
C ASP B 244 28.99 4.42 4.80
N ASP B 245 28.50 5.34 5.61
CA ASP B 245 27.14 5.26 6.11
C ASP B 245 26.15 5.09 4.96
N GLY B 246 26.50 5.63 3.80
CA GLY B 246 25.63 5.49 2.65
C GLY B 246 25.72 4.09 2.06
N LYS B 247 26.92 3.53 2.06
CA LYS B 247 27.13 2.18 1.54
C LYS B 247 26.43 1.18 2.44
N ALA B 248 26.70 1.28 3.74
CA ALA B 248 26.09 0.39 4.69
C ALA B 248 24.59 0.26 4.47
N VAL B 249 23.89 1.39 4.49
CA VAL B 249 22.44 1.40 4.29
C VAL B 249 22.11 0.68 3.00
N ALA B 250 22.74 1.09 1.92
CA ALA B 250 22.50 0.47 0.63
C ALA B 250 22.59 -1.05 0.77
N GLU B 251 23.72 -1.55 1.27
CA GLU B 251 23.84 -3.00 1.43
C GLU B 251 22.69 -3.58 2.23
N ALA B 252 22.56 -3.17 3.48
CA ALA B 252 21.51 -3.68 4.35
C ALA B 252 20.14 -3.60 3.70
N LEU B 253 19.96 -2.68 2.77
CA LEU B 253 18.66 -2.58 2.12
C LEU B 253 18.54 -3.62 1.02
N LEU B 254 19.40 -3.52 0.00
CA LEU B 254 19.38 -4.45 -1.13
C LEU B 254 19.49 -5.92 -0.70
N ARG B 255 20.21 -6.17 0.39
CA ARG B 255 20.41 -7.52 0.90
C ARG B 255 19.13 -8.27 1.19
N GLN B 256 18.03 -7.55 1.36
CA GLN B 256 16.77 -8.20 1.65
C GLN B 256 16.05 -8.60 0.39
N PHE B 257 16.62 -8.23 -0.75
CA PHE B 257 16.02 -8.55 -2.03
C PHE B 257 16.82 -9.58 -2.81
N GLY B 258 17.89 -10.08 -2.21
CA GLY B 258 18.68 -11.09 -2.91
C GLY B 258 20.11 -10.71 -3.22
N PHE B 259 20.34 -9.52 -3.78
CA PHE B 259 21.69 -9.07 -4.12
C PHE B 259 22.67 -9.55 -3.04
N GLU B 260 23.84 -10.02 -3.48
CA GLU B 260 24.84 -10.54 -2.55
C GLU B 260 26.17 -9.79 -2.56
N ASN B 261 26.38 -8.96 -3.57
CA ASN B 261 27.61 -8.22 -3.65
C ASN B 261 27.36 -6.84 -4.22
N PHE B 262 28.03 -5.84 -3.65
CA PHE B 262 27.86 -4.46 -4.08
C PHE B 262 29.18 -3.78 -4.38
N ARG B 263 29.12 -2.81 -5.29
CA ARG B 263 30.30 -2.05 -5.68
C ARG B 263 29.85 -0.61 -5.84
N PHE B 264 30.65 0.34 -5.37
CA PHE B 264 30.28 1.74 -5.48
C PHE B 264 31.25 2.64 -6.24
N ARG B 265 30.84 3.10 -7.41
CA ARG B 265 31.69 4.00 -8.20
C ARG B 265 31.15 5.42 -8.00
N LYS B 266 32.00 6.42 -8.23
CA LYS B 266 31.60 7.82 -8.08
C LYS B 266 30.81 8.30 -9.30
N ASP B 267 29.77 9.09 -9.05
CA ASP B 267 28.95 9.60 -10.13
C ASP B 267 29.57 10.85 -10.73
N GLU B 268 29.83 10.80 -12.04
CA GLU B 268 30.45 11.89 -12.77
C GLU B 268 29.64 13.20 -12.76
N LYS B 269 28.33 13.10 -12.57
CA LYS B 269 27.50 14.29 -12.55
C LYS B 269 27.93 15.29 -11.47
N ARG B 270 28.38 14.77 -10.34
CA ARG B 270 28.79 15.61 -9.21
C ARG B 270 27.73 16.69 -8.99
N SER B 271 26.51 16.27 -8.71
CA SER B 271 25.39 17.19 -8.51
C SER B 271 25.68 18.17 -7.38
N LYS B 272 25.16 19.38 -7.53
CA LYS B 272 25.38 20.44 -6.57
C LYS B 272 24.83 20.21 -5.16
N TYR B 273 23.64 19.60 -5.06
CA TYR B 273 23.05 19.39 -3.74
C TYR B 273 23.80 18.37 -2.88
N TYR B 274 24.79 17.73 -3.47
CA TYR B 274 25.58 16.73 -2.76
C TYR B 274 27.00 17.25 -2.57
N ILE B 275 27.55 17.03 -1.38
CA ILE B 275 28.91 17.44 -1.10
C ILE B 275 29.80 16.91 -2.21
N PRO B 276 30.75 17.71 -2.68
CA PRO B 276 31.60 17.20 -3.75
C PRO B 276 32.23 15.88 -3.31
N ASP B 277 32.37 14.95 -4.26
CA ASP B 277 33.00 13.66 -3.99
C ASP B 277 32.25 12.74 -3.03
N THR B 278 30.92 12.80 -3.03
CA THR B 278 30.16 11.93 -2.15
C THR B 278 29.05 11.25 -2.95
N GLN B 279 28.57 11.92 -3.97
CA GLN B 279 27.52 11.36 -4.80
C GLN B 279 28.04 10.07 -5.41
N THR B 280 27.70 8.97 -4.76
CA THR B 280 28.10 7.64 -5.18
C THR B 280 26.99 6.95 -5.99
N GLU B 281 27.41 6.07 -6.89
CA GLU B 281 26.46 5.28 -7.70
C GLU B 281 26.64 3.87 -7.13
N VAL B 282 25.55 3.19 -6.82
CA VAL B 282 25.66 1.86 -6.24
C VAL B 282 25.23 0.70 -7.16
N PHE B 283 26.20 -0.16 -7.45
CA PHE B 283 26.02 -1.33 -8.31
C PHE B 283 25.94 -2.58 -7.44
N ALA B 284 24.92 -3.39 -7.68
CA ALA B 284 24.72 -4.61 -6.90
C ALA B 284 24.55 -5.82 -7.80
N PHE B 285 25.02 -6.95 -7.32
CA PHE B 285 24.94 -8.19 -8.06
C PHE B 285 23.82 -9.07 -7.55
N HIS B 286 22.93 -9.47 -8.46
CA HIS B 286 21.82 -10.35 -8.12
C HIS B 286 21.81 -11.57 -9.05
N PRO B 287 21.72 -12.77 -8.46
CA PRO B 287 21.69 -14.02 -9.23
C PRO B 287 20.68 -14.04 -10.38
N LYS B 288 19.42 -13.79 -10.05
CA LYS B 288 18.36 -13.80 -11.05
C LYS B 288 18.77 -13.17 -12.38
N LEU B 289 19.81 -12.35 -12.35
CA LEU B 289 20.30 -11.69 -13.56
C LEU B 289 21.39 -12.49 -14.27
N VAL B 290 22.29 -13.09 -13.50
CA VAL B 290 23.39 -13.86 -14.06
C VAL B 290 22.91 -14.78 -15.17
N GLY B 291 23.68 -14.80 -16.25
CA GLY B 291 23.33 -15.64 -17.39
C GLY B 291 21.97 -15.26 -17.93
N SER B 292 21.82 -14.01 -18.33
CA SER B 292 20.56 -13.53 -18.87
C SER B 292 20.77 -12.93 -20.26
N SER B 293 19.66 -12.56 -20.89
CA SER B 293 19.68 -11.97 -22.22
C SER B 293 19.98 -10.48 -22.11
N THR B 294 19.50 -9.86 -21.03
CA THR B 294 19.69 -8.44 -20.78
C THR B 294 21.16 -8.05 -20.69
N LYS B 295 21.42 -6.75 -20.61
CA LYS B 295 22.78 -6.22 -20.53
C LYS B 295 23.35 -6.51 -19.14
N TYR B 296 22.62 -7.30 -18.37
CA TYR B 296 23.03 -7.67 -17.02
C TYR B 296 23.38 -9.14 -16.96
N SER B 297 24.00 -9.64 -18.03
CA SER B 297 24.40 -11.03 -18.12
C SER B 297 25.24 -11.41 -16.92
N ASP B 298 26.26 -10.59 -16.66
CA ASP B 298 27.18 -10.81 -15.54
C ASP B 298 26.57 -10.77 -14.15
N GLY B 299 25.32 -10.32 -14.05
CA GLY B 299 24.65 -10.26 -12.76
C GLY B 299 24.67 -8.93 -12.04
N TRP B 300 25.46 -7.98 -12.52
CA TRP B 300 25.53 -6.69 -11.88
C TRP B 300 24.65 -5.67 -12.57
N ILE B 301 24.07 -4.77 -11.77
CA ILE B 301 23.21 -3.71 -12.28
C ILE B 301 23.22 -2.54 -11.31
N GLU B 302 23.19 -1.31 -11.84
CA GLU B 302 23.16 -0.12 -10.99
C GLU B 302 21.76 -0.12 -10.41
N ILE B 303 21.66 -0.27 -9.09
CA ILE B 303 20.35 -0.33 -8.48
C ILE B 303 19.89 0.94 -7.74
N ALA B 304 20.84 1.68 -7.15
CA ALA B 304 20.50 2.92 -6.44
C ALA B 304 21.64 3.94 -6.50
N THR B 305 21.43 5.10 -5.87
CA THR B 305 22.44 6.16 -5.85
C THR B 305 22.33 6.90 -4.53
N PHE B 306 23.40 7.56 -4.10
CA PHE B 306 23.36 8.26 -2.83
C PHE B 306 24.50 9.23 -2.61
N GLY B 307 24.30 10.14 -1.65
CA GLY B 307 25.33 11.11 -1.33
C GLY B 307 25.06 11.80 -0.03
N ILE B 308 25.80 12.88 0.24
CA ILE B 308 25.60 13.64 1.46
C ILE B 308 25.31 15.08 1.10
N TYR B 309 24.10 15.51 1.35
CA TYR B 309 23.66 16.86 1.03
C TYR B 309 24.70 17.93 1.36
N SER B 310 24.99 18.77 0.38
CA SER B 310 25.96 19.84 0.55
C SER B 310 25.51 20.79 1.64
N PRO B 311 26.38 21.05 2.63
CA PRO B 311 26.04 21.94 3.73
C PRO B 311 25.51 23.28 3.23
N THR B 312 25.66 23.49 1.93
CA THR B 312 25.17 24.70 1.27
C THR B 312 23.65 24.75 1.30
N ALA B 313 23.03 23.68 0.78
CA ALA B 313 21.57 23.59 0.74
C ALA B 313 20.96 23.38 2.12
N LEU B 314 21.69 22.71 3.01
CA LEU B 314 21.19 22.48 4.36
C LEU B 314 20.87 23.81 5.01
N ALA B 315 21.76 24.78 4.79
CA ALA B 315 21.61 26.13 5.35
C ALA B 315 20.38 26.82 4.78
N GLU B 316 20.16 26.65 3.48
CA GLU B 316 19.00 27.24 2.82
C GLU B 316 17.73 26.86 3.57
N TYR B 317 17.85 25.89 4.47
CA TYR B 317 16.72 25.42 5.25
C TYR B 317 17.05 25.38 6.74
N ASP B 318 18.16 25.99 7.09
CA ASP B 318 18.58 26.05 8.47
C ASP B 318 18.80 24.66 9.08
N ILE B 319 19.51 23.79 8.37
CA ILE B 319 19.81 22.46 8.88
C ILE B 319 21.30 22.46 9.19
N PRO B 320 21.66 22.40 10.49
CA PRO B 320 23.01 22.39 11.06
C PRO B 320 23.82 21.14 10.87
N TYR B 321 23.12 20.01 10.86
CA TYR B 321 23.77 18.72 10.73
C TYR B 321 23.86 18.18 9.32
N PRO B 322 24.82 17.26 9.08
CA PRO B 322 25.00 16.67 7.76
C PRO B 322 23.94 15.57 7.58
N VAL B 323 23.51 15.34 6.35
CA VAL B 323 22.49 14.33 6.08
C VAL B 323 22.82 13.44 4.90
N MET B 324 22.61 12.14 5.10
CA MET B 324 22.88 11.11 4.10
C MET B 324 21.58 10.82 3.36
N ASN B 325 21.68 10.55 2.07
CA ASN B 325 20.50 10.28 1.26
C ASN B 325 20.75 9.18 0.24
N LEU B 326 19.95 8.12 0.32
CA LEU B 326 20.05 6.97 -0.57
C LEU B 326 18.71 6.88 -1.31
N GLY B 327 18.77 6.66 -2.61
CA GLY B 327 17.54 6.58 -3.40
C GLY B 327 17.49 5.40 -4.35
N LEU B 328 16.54 4.52 -4.11
CA LEU B 328 16.38 3.32 -4.92
C LEU B 328 15.29 3.60 -5.96
N GLY B 329 15.46 3.07 -7.15
CA GLY B 329 14.46 3.26 -8.19
C GLY B 329 13.58 2.04 -8.17
N VAL B 330 12.33 2.20 -7.77
CA VAL B 330 11.42 1.08 -7.67
C VAL B 330 11.24 0.22 -8.91
N GLU B 331 10.62 0.77 -9.95
CA GLU B 331 10.37 0.03 -11.18
C GLU B 331 11.47 -0.97 -11.56
N ARG B 332 12.72 -0.54 -11.50
CA ARG B 332 13.81 -1.46 -11.84
C ARG B 332 13.81 -2.65 -10.90
N LEU B 333 13.99 -2.38 -9.60
CA LEU B 333 14.00 -3.43 -8.59
C LEU B 333 12.85 -4.38 -8.86
N ALA B 334 11.69 -3.81 -9.19
CA ALA B 334 10.52 -4.63 -9.46
C ALA B 334 10.82 -5.56 -10.62
N MET B 335 11.22 -4.96 -11.74
CA MET B 335 11.54 -5.72 -12.95
C MET B 335 12.41 -6.94 -12.65
N ILE B 336 13.40 -6.76 -11.78
CA ILE B 336 14.29 -7.85 -11.41
C ILE B 336 13.59 -8.95 -10.62
N LEU B 337 12.98 -8.60 -9.51
CA LEU B 337 12.30 -9.57 -8.66
C LEU B 337 11.17 -10.31 -9.36
N TYR B 338 10.54 -9.69 -10.35
CA TYR B 338 9.43 -10.34 -11.02
C TYR B 338 9.67 -10.70 -12.48
N GLY B 339 10.93 -10.58 -12.90
CA GLY B 339 11.29 -10.92 -14.26
C GLY B 339 10.52 -10.23 -15.37
N TYR B 340 10.96 -9.03 -15.71
CA TYR B 340 10.37 -8.23 -16.77
C TYR B 340 11.53 -7.52 -17.44
N ASP B 341 11.48 -7.38 -18.75
CA ASP B 341 12.55 -6.72 -19.48
C ASP B 341 12.21 -5.25 -19.75
N ASP B 342 10.98 -5.00 -20.20
CA ASP B 342 10.54 -3.66 -20.54
C ASP B 342 9.66 -3.01 -19.48
N VAL B 343 10.17 -1.94 -18.87
CA VAL B 343 9.45 -1.21 -17.84
C VAL B 343 7.98 -1.10 -18.21
N ARG B 344 7.70 -0.34 -19.26
CA ARG B 344 6.36 -0.10 -19.77
C ARG B 344 5.41 -1.32 -19.77
N LYS B 345 5.93 -2.47 -20.18
CA LYS B 345 5.10 -3.68 -20.21
C LYS B 345 4.89 -4.21 -18.80
N MET B 346 5.87 -3.96 -17.95
CA MET B 346 5.83 -4.42 -16.57
C MET B 346 4.75 -3.71 -15.76
N VAL B 347 4.76 -2.38 -15.80
CA VAL B 347 3.79 -1.61 -15.05
C VAL B 347 2.43 -1.41 -15.73
N TYR B 348 2.43 -1.09 -17.01
CA TYR B 348 1.17 -0.87 -17.74
C TYR B 348 0.88 -1.96 -18.78
N PRO B 349 0.87 -3.23 -18.36
CA PRO B 349 0.62 -4.38 -19.21
C PRO B 349 -0.67 -4.37 -20.02
N GLN B 350 -1.80 -4.16 -19.33
CA GLN B 350 -3.08 -4.16 -20.00
C GLN B 350 -3.04 -3.31 -21.27
N ILE B 351 -2.51 -2.08 -21.17
CA ILE B 351 -2.43 -1.18 -22.31
C ILE B 351 -1.56 -1.75 -23.42
N HIS B 352 -0.43 -2.35 -23.06
CA HIS B 352 0.46 -2.93 -24.05
C HIS B 352 0.08 -4.37 -24.36
N GLY B 353 -1.23 -4.63 -24.29
CA GLY B 353 -1.79 -5.95 -24.58
C GLY B 353 -1.03 -7.18 -24.13
N GLU B 354 -0.35 -7.10 -22.99
CA GLU B 354 0.38 -8.25 -22.50
C GLU B 354 -0.51 -9.12 -21.62
N ILE B 355 -1.77 -9.26 -22.00
CA ILE B 355 -2.72 -10.07 -21.24
C ILE B 355 -2.54 -11.55 -21.62
N LYS B 356 -2.95 -12.43 -20.72
CA LYS B 356 -2.79 -13.88 -20.94
C LYS B 356 -3.77 -14.72 -20.12
N LEU B 357 -4.05 -15.93 -20.63
CA LEU B 357 -4.93 -16.87 -19.97
C LEU B 357 -4.32 -18.26 -20.09
N SER B 358 -3.87 -18.82 -18.97
CA SER B 358 -3.27 -20.15 -19.00
C SER B 358 -4.23 -21.15 -19.61
N ASP B 359 -3.71 -22.31 -19.97
CA ASP B 359 -4.51 -23.35 -20.57
C ASP B 359 -5.70 -23.67 -19.66
N LEU B 360 -5.41 -23.98 -18.41
CA LEU B 360 -6.46 -24.31 -17.44
C LEU B 360 -7.61 -23.32 -17.43
N ASP B 361 -7.29 -22.04 -17.64
CA ASP B 361 -8.31 -20.99 -17.65
C ASP B 361 -9.20 -21.04 -18.89
N ILE B 362 -8.62 -21.46 -20.00
CA ILE B 362 -9.38 -21.57 -21.24
C ILE B 362 -10.29 -22.77 -21.06
N ALA B 363 -9.70 -23.90 -20.67
CA ALA B 363 -10.46 -25.12 -20.44
C ALA B 363 -11.71 -24.82 -19.61
N ARG B 364 -11.53 -24.07 -18.54
CA ARG B 364 -12.64 -23.69 -17.66
C ARG B 364 -13.74 -22.92 -18.37
N GLU B 365 -13.36 -22.21 -19.43
CA GLU B 365 -14.31 -21.38 -20.15
C GLU B 365 -15.05 -22.10 -21.27
N ILE B 366 -14.70 -23.36 -21.50
CA ILE B 366 -15.34 -24.19 -22.52
C ILE B 366 -16.52 -24.93 -21.91
N LYS B 367 -17.72 -24.38 -22.10
CA LYS B 367 -18.93 -24.97 -21.54
C LYS B 367 -19.67 -25.86 -22.54
N VAL B 368 -20.81 -26.37 -22.09
CA VAL B 368 -21.64 -27.24 -22.90
C VAL B 368 -22.96 -26.52 -23.13
N LYS B 369 -23.17 -26.09 -24.36
CA LYS B 369 -24.37 -25.36 -24.77
C LYS B 369 -25.69 -26.00 -24.32
N GLU B 370 -26.09 -27.07 -25.00
CA GLU B 370 -27.34 -27.76 -24.69
C GLU B 370 -27.18 -28.78 -23.57
N VAL B 371 -27.81 -28.54 -22.43
CA VAL B 371 -27.70 -29.48 -21.32
C VAL B 371 -29.06 -29.86 -20.71
N PRO B 372 -29.31 -31.16 -20.56
CA PRO B 372 -30.55 -31.70 -19.99
C PRO B 372 -30.97 -30.95 -18.74
N GLN B 373 -32.24 -30.56 -18.68
CA GLN B 373 -32.75 -29.82 -17.53
C GLN B 373 -33.46 -30.72 -16.50
N THR B 374 -33.78 -31.95 -16.89
CA THR B 374 -34.47 -32.88 -15.99
C THR B 374 -33.58 -34.01 -15.51
N ALA B 375 -33.80 -34.42 -14.26
CA ALA B 375 -33.03 -35.50 -13.65
C ALA B 375 -33.04 -36.75 -14.52
N VAL B 376 -34.02 -36.83 -15.41
CA VAL B 376 -34.15 -37.96 -16.31
C VAL B 376 -33.17 -37.79 -17.47
N GLY B 377 -33.26 -36.63 -18.12
CA GLY B 377 -32.39 -36.34 -19.24
C GLY B 377 -30.95 -36.80 -19.05
N LEU B 378 -30.34 -36.41 -17.94
CA LEU B 378 -28.97 -36.79 -17.66
C LEU B 378 -28.75 -38.28 -17.87
N LYS B 379 -29.52 -39.09 -17.16
CA LYS B 379 -29.39 -40.55 -17.29
C LYS B 379 -29.50 -40.96 -18.75
N ILE B 380 -30.48 -40.37 -19.45
CA ILE B 380 -30.67 -40.68 -20.86
C ILE B 380 -29.35 -40.58 -21.60
N ALA B 381 -28.71 -39.41 -21.50
CA ALA B 381 -27.44 -39.17 -22.15
C ALA B 381 -26.35 -40.07 -21.60
N GLN B 382 -26.20 -40.08 -20.28
CA GLN B 382 -25.19 -40.90 -19.63
C GLN B 382 -25.22 -42.28 -20.26
N SER B 383 -26.42 -42.78 -20.51
CA SER B 383 -26.62 -44.08 -21.12
C SER B 383 -26.34 -44.02 -22.62
N ILE B 384 -26.89 -43.00 -23.28
CA ILE B 384 -26.67 -42.83 -24.72
C ILE B 384 -25.18 -43.02 -25.01
N VAL B 385 -24.36 -42.62 -24.04
CA VAL B 385 -22.93 -42.78 -24.19
C VAL B 385 -22.63 -44.22 -23.83
N GLU B 386 -23.05 -44.60 -22.64
CA GLU B 386 -22.86 -45.95 -22.12
C GLU B 386 -22.99 -47.03 -23.19
N THR B 387 -23.97 -46.85 -24.09
CA THR B 387 -24.19 -47.80 -25.17
C THR B 387 -23.29 -47.48 -26.36
N ALA B 388 -23.24 -46.19 -26.70
CA ALA B 388 -22.43 -45.73 -27.82
C ALA B 388 -20.97 -46.13 -27.63
N GLU B 389 -20.58 -46.33 -26.37
CA GLU B 389 -19.22 -46.72 -26.04
C GLU B 389 -19.00 -48.20 -26.33
N LYS B 390 -19.84 -49.05 -25.73
CA LYS B 390 -19.75 -50.48 -25.91
C LYS B 390 -19.81 -50.91 -27.38
N HIS B 391 -20.96 -50.66 -28.01
CA HIS B 391 -21.17 -51.01 -29.41
C HIS B 391 -20.60 -49.94 -30.34
N ALA B 392 -19.29 -49.93 -30.50
CA ALA B 392 -18.65 -48.92 -31.35
C ALA B 392 -18.16 -49.47 -32.68
N SER B 393 -17.89 -50.77 -32.75
CA SER B 393 -17.41 -51.39 -33.98
C SER B 393 -18.41 -52.38 -34.55
N GLU B 394 -19.66 -51.95 -34.70
CA GLU B 394 -20.72 -52.79 -35.24
C GLU B 394 -21.08 -52.35 -36.65
N PRO B 395 -20.66 -53.13 -37.68
CA PRO B 395 -20.96 -52.80 -39.08
C PRO B 395 -22.40 -52.34 -39.32
N SER B 396 -22.53 -51.18 -39.95
CA SER B 396 -23.83 -50.59 -40.25
C SER B 396 -24.59 -51.29 -41.38
N PRO B 397 -25.92 -51.29 -41.32
CA PRO B 397 -26.70 -50.66 -40.24
C PRO B 397 -26.77 -51.53 -38.98
N CYS B 398 -27.74 -51.22 -38.12
CA CYS B 398 -27.97 -51.94 -36.87
C CYS B 398 -28.70 -50.99 -35.92
N SER B 399 -28.81 -51.40 -34.66
CA SER B 399 -29.48 -50.59 -33.65
C SER B 399 -29.28 -51.22 -32.28
N PHE B 400 -29.33 -50.39 -31.24
CA PHE B 400 -29.15 -50.87 -29.87
C PHE B 400 -30.04 -50.06 -28.91
N LEU B 401 -30.42 -50.69 -27.81
CA LEU B 401 -31.27 -50.02 -26.83
C LEU B 401 -30.40 -49.19 -25.87
N ALA B 402 -30.85 -47.96 -25.60
CA ALA B 402 -30.10 -47.08 -24.72
C ALA B 402 -30.82 -46.87 -23.39
N PHE B 403 -31.98 -46.24 -23.43
CA PHE B 403 -32.73 -45.97 -22.23
C PHE B 403 -34.23 -46.24 -22.38
N GLU B 404 -34.81 -46.84 -21.34
CA GLU B 404 -36.23 -47.18 -21.30
C GLU B 404 -36.80 -46.77 -19.96
N GLY B 405 -37.40 -45.58 -19.90
CA GLY B 405 -37.97 -45.10 -18.65
C GLY B 405 -39.08 -44.08 -18.85
N GLU B 406 -39.52 -43.49 -17.75
CA GLU B 406 -40.59 -42.51 -17.80
C GLU B 406 -40.08 -41.07 -17.63
N MET B 407 -40.52 -40.19 -18.51
CA MET B 407 -40.13 -38.78 -18.48
C MET B 407 -41.36 -37.90 -18.52
N MET B 408 -41.61 -37.17 -17.43
CA MET B 408 -42.76 -36.27 -17.32
C MET B 408 -44.10 -37.03 -17.31
N GLY B 409 -44.06 -38.29 -16.88
CA GLY B 409 -45.28 -39.08 -16.83
C GLY B 409 -45.66 -39.66 -18.17
N ARG B 410 -44.65 -40.01 -18.97
CA ARG B 410 -44.86 -40.57 -20.30
C ARG B 410 -43.68 -41.48 -20.66
N ASN B 411 -43.93 -42.78 -20.72
CA ASN B 411 -42.88 -43.75 -21.05
C ASN B 411 -42.05 -43.32 -22.26
N VAL B 412 -40.75 -43.54 -22.19
CA VAL B 412 -39.85 -43.17 -23.27
C VAL B 412 -38.75 -44.20 -23.51
N ARG B 413 -38.31 -44.30 -24.76
CA ARG B 413 -37.26 -45.22 -25.14
C ARG B 413 -36.37 -44.56 -26.20
N VAL B 414 -35.09 -44.38 -25.87
CA VAL B 414 -34.14 -43.76 -26.78
C VAL B 414 -33.15 -44.77 -27.34
N TYR B 415 -32.81 -44.60 -28.62
CA TYR B 415 -31.87 -45.50 -29.29
C TYR B 415 -30.77 -44.76 -30.06
N VAL B 416 -29.64 -45.43 -30.22
CA VAL B 416 -28.49 -44.90 -30.95
C VAL B 416 -28.28 -45.78 -32.16
N VAL B 417 -28.37 -45.19 -33.35
CA VAL B 417 -28.21 -45.97 -34.56
C VAL B 417 -27.34 -45.31 -35.63
N ASN B 418 -27.46 -45.84 -36.85
CA ASN B 418 -26.72 -45.35 -38.00
C ASN B 418 -27.54 -45.74 -39.24
N GLU B 419 -27.80 -44.76 -40.10
CA GLU B 419 -28.59 -44.99 -41.30
C GLU B 419 -27.84 -45.73 -42.41
N ASN B 420 -26.72 -45.15 -42.85
CA ASN B 420 -25.91 -45.73 -43.92
C ASN B 420 -25.39 -47.12 -43.58
N GLU B 421 -24.68 -47.73 -44.53
CA GLU B 421 -24.12 -49.07 -44.34
C GLU B 421 -22.65 -49.09 -44.75
N ASN B 422 -22.05 -50.27 -44.69
CA ASN B 422 -20.65 -50.47 -45.06
C ASN B 422 -19.71 -49.63 -44.18
N THR B 423 -20.06 -49.49 -42.91
CA THR B 423 -19.24 -48.72 -41.99
C THR B 423 -19.46 -49.23 -40.56
N LYS B 424 -19.29 -48.34 -39.58
CA LYS B 424 -19.48 -48.71 -38.18
C LYS B 424 -20.49 -47.76 -37.53
N LEU B 425 -21.06 -48.18 -36.40
CA LEU B 425 -22.06 -47.40 -35.69
C LEU B 425 -21.74 -45.92 -35.53
N CYS B 426 -20.55 -45.62 -35.02
CA CYS B 426 -20.14 -44.23 -34.82
C CYS B 426 -18.80 -43.94 -35.49
N GLY B 427 -18.67 -42.73 -36.02
CA GLY B 427 -17.45 -42.32 -36.70
C GLY B 427 -16.17 -42.48 -35.91
N PRO B 428 -15.01 -42.51 -36.60
CA PRO B 428 -13.71 -42.65 -35.95
C PRO B 428 -13.27 -41.43 -35.15
N ALA B 429 -14.21 -40.52 -34.90
CA ALA B 429 -13.91 -39.31 -34.15
C ALA B 429 -14.86 -39.10 -32.99
N TYR B 430 -15.64 -40.12 -32.67
CA TYR B 430 -16.61 -40.02 -31.57
C TYR B 430 -15.90 -40.01 -30.23
N ALA B 431 -14.73 -40.63 -30.18
CA ALA B 431 -13.96 -40.74 -28.95
C ALA B 431 -12.96 -39.61 -28.73
N ASN B 432 -12.93 -38.64 -29.64
CA ASN B 432 -12.00 -37.53 -29.49
C ASN B 432 -12.45 -36.67 -28.31
N GLU B 433 -11.47 -36.05 -27.66
CA GLU B 433 -11.71 -35.20 -26.49
C GLU B 433 -11.14 -33.80 -26.71
N VAL B 434 -11.75 -32.80 -26.08
CA VAL B 434 -11.30 -31.42 -26.20
C VAL B 434 -10.19 -31.14 -25.20
N VAL B 435 -8.99 -30.89 -25.69
CA VAL B 435 -7.86 -30.58 -24.81
C VAL B 435 -7.28 -29.22 -25.17
N VAL B 436 -6.78 -28.52 -24.15
CA VAL B 436 -6.19 -27.20 -24.34
C VAL B 436 -4.69 -27.33 -24.19
N TYR B 437 -3.94 -26.98 -25.24
CA TYR B 437 -2.50 -27.05 -25.20
C TYR B 437 -1.90 -25.81 -25.84
N LYS B 438 -0.87 -25.27 -25.20
CA LYS B 438 -0.19 -24.08 -25.67
C LYS B 438 -1.10 -23.05 -26.34
N GLY B 439 -2.18 -22.72 -25.65
CA GLY B 439 -3.10 -21.71 -26.15
C GLY B 439 -4.10 -22.08 -27.21
N ASP B 440 -4.11 -23.32 -27.63
CA ASP B 440 -5.05 -23.72 -28.67
C ASP B 440 -6.04 -24.75 -28.16
N ILE B 441 -7.24 -24.72 -28.71
CA ILE B 441 -8.28 -25.67 -28.34
C ILE B 441 -8.30 -26.76 -29.42
N TYR B 442 -7.96 -27.99 -29.04
CA TYR B 442 -7.92 -29.10 -29.98
C TYR B 442 -9.02 -30.14 -29.78
N GLY B 443 -9.31 -30.86 -30.86
CA GLY B 443 -10.31 -31.92 -30.84
C GLY B 443 -9.59 -33.16 -31.32
N ILE B 444 -8.73 -33.70 -30.45
CA ILE B 444 -7.93 -34.86 -30.78
C ILE B 444 -8.32 -36.12 -30.00
N PRO B 445 -7.90 -37.30 -30.50
CA PRO B 445 -8.17 -38.61 -29.90
C PRO B 445 -6.91 -39.07 -29.17
N LYS B 446 -7.06 -39.77 -28.04
CA LYS B 446 -5.90 -40.23 -27.29
C LYS B 446 -5.01 -41.18 -28.09
N THR B 447 -3.80 -40.74 -28.39
CA THR B 447 -2.86 -41.54 -29.17
C THR B 447 -1.42 -41.19 -28.81
N LYS B 448 -0.51 -42.12 -29.05
CA LYS B 448 0.91 -41.89 -28.76
C LYS B 448 1.45 -40.77 -29.65
N LYS B 449 0.57 -40.24 -30.48
CA LYS B 449 0.89 -39.14 -31.39
C LYS B 449 0.51 -37.84 -30.72
N TRP B 450 -0.39 -37.94 -29.74
CA TRP B 450 -0.88 -36.78 -29.02
C TRP B 450 -0.49 -36.69 -27.55
N ARG B 451 0.26 -37.67 -27.05
CA ARG B 451 0.67 -37.67 -25.64
C ARG B 451 0.98 -36.26 -25.13
N SER B 452 1.86 -35.57 -25.85
CA SER B 452 2.27 -34.22 -25.49
C SER B 452 1.11 -33.28 -25.18
N PHE B 453 -0.07 -33.57 -25.71
CA PHE B 453 -1.24 -32.73 -25.49
C PHE B 453 -2.11 -33.18 -24.31
N PHE B 454 -1.66 -34.19 -23.58
CA PHE B 454 -2.41 -34.68 -22.43
C PHE B 454 -1.52 -34.67 -21.20
N GLU B 455 -0.22 -34.53 -21.41
CA GLU B 455 0.73 -34.53 -20.30
C GLU B 455 1.38 -33.16 -20.14
N GLU B 456 0.83 -32.18 -20.83
CA GLU B 456 1.34 -30.81 -20.77
C GLU B 456 0.18 -29.85 -20.92
N GLY B 457 -0.89 -30.34 -21.55
CA GLY B 457 -2.08 -29.52 -21.74
C GLY B 457 -3.08 -29.78 -20.63
N VAL B 458 -4.33 -29.40 -20.84
CA VAL B 458 -5.35 -29.64 -19.85
C VAL B 458 -6.65 -30.08 -20.51
N PRO B 459 -6.92 -31.40 -20.46
CA PRO B 459 -8.11 -32.00 -21.05
C PRO B 459 -9.37 -31.47 -20.39
N THR B 460 -10.38 -31.17 -21.21
CA THR B 460 -11.64 -30.66 -20.68
C THR B 460 -12.46 -31.82 -20.13
N GLY B 461 -12.08 -33.04 -20.52
CA GLY B 461 -12.79 -34.21 -20.07
C GLY B 461 -14.04 -34.46 -20.89
N ILE B 462 -14.24 -33.61 -21.89
CA ILE B 462 -15.40 -33.76 -22.76
C ILE B 462 -15.00 -34.34 -24.11
N ARG B 463 -15.73 -35.37 -24.53
CA ARG B 463 -15.48 -36.01 -25.80
C ARG B 463 -16.68 -35.75 -26.70
N TYR B 464 -16.45 -35.72 -28.00
CA TYR B 464 -17.52 -35.46 -28.95
C TYR B 464 -18.83 -36.11 -28.51
N ILE B 465 -18.78 -37.43 -28.30
CA ILE B 465 -19.96 -38.19 -27.89
C ILE B 465 -20.56 -37.68 -26.59
N ASP B 466 -19.71 -37.22 -25.67
CA ASP B 466 -20.19 -36.71 -24.40
C ASP B 466 -21.02 -35.46 -24.66
N GLY B 467 -20.40 -34.49 -25.32
CA GLY B 467 -21.10 -33.26 -25.64
C GLY B 467 -22.38 -33.52 -26.40
N PHE B 468 -22.27 -34.31 -27.46
CA PHE B 468 -23.44 -34.64 -28.28
C PHE B 468 -24.52 -35.25 -27.40
N ALA B 469 -24.19 -36.33 -26.71
CA ALA B 469 -25.12 -37.01 -25.84
C ALA B 469 -26.01 -36.02 -25.10
N TYR B 470 -25.39 -35.09 -24.38
CA TYR B 470 -26.14 -34.10 -23.62
C TYR B 470 -27.07 -33.29 -24.52
N TYR B 471 -26.69 -33.14 -25.78
CA TYR B 471 -27.51 -32.39 -26.74
C TYR B 471 -28.80 -33.16 -26.97
N ALA B 472 -28.65 -34.38 -27.46
CA ALA B 472 -29.80 -35.24 -27.73
C ALA B 472 -30.73 -35.27 -26.52
N ALA B 473 -30.20 -35.69 -25.38
CA ALA B 473 -30.98 -35.77 -24.15
C ALA B 473 -31.90 -34.57 -23.99
N ARG B 474 -31.47 -33.40 -24.47
CA ARG B 474 -32.28 -32.21 -24.37
C ARG B 474 -33.40 -32.31 -25.40
N LYS B 475 -33.02 -32.66 -26.63
CA LYS B 475 -33.99 -32.80 -27.70
C LYS B 475 -35.14 -33.70 -27.25
N VAL B 476 -34.83 -34.93 -26.89
CA VAL B 476 -35.85 -35.87 -26.44
C VAL B 476 -36.65 -35.28 -25.27
N GLU B 477 -35.96 -34.53 -24.44
CA GLU B 477 -36.58 -33.90 -23.28
C GLU B 477 -37.53 -32.81 -23.75
N GLU B 478 -37.13 -32.10 -24.80
CA GLU B 478 -37.93 -31.03 -25.38
C GLU B 478 -39.22 -31.61 -25.97
N ALA B 479 -39.11 -32.73 -26.65
CA ALA B 479 -40.25 -33.39 -27.26
C ALA B 479 -41.24 -33.83 -26.18
N ALA B 480 -40.71 -34.32 -25.06
CA ALA B 480 -41.53 -34.76 -23.95
C ALA B 480 -42.38 -33.60 -23.43
N MET B 481 -42.20 -32.45 -24.07
CA MET B 481 -42.94 -31.24 -23.72
C MET B 481 -43.72 -30.77 -24.93
N ARG B 482 -43.15 -30.98 -26.12
CA ARG B 482 -43.82 -30.60 -27.37
C ARG B 482 -44.87 -31.66 -27.67
N GLU B 483 -44.95 -32.64 -26.77
CA GLU B 483 -45.91 -33.74 -26.87
C GLU B 483 -45.76 -34.52 -28.18
N GLN B 484 -44.62 -34.37 -28.83
CA GLN B 484 -44.37 -35.07 -30.08
C GLN B 484 -44.36 -36.58 -29.83
N GLU B 485 -43.76 -37.34 -30.75
CA GLU B 485 -43.72 -38.79 -30.60
C GLU B 485 -42.54 -39.48 -31.28
N GLU B 486 -41.73 -38.72 -32.02
CA GLU B 486 -40.57 -39.31 -32.70
C GLU B 486 -39.57 -38.29 -33.24
N VAL B 487 -38.48 -38.10 -32.51
CA VAL B 487 -37.43 -37.17 -32.92
C VAL B 487 -36.13 -37.96 -33.13
N LYS B 488 -35.49 -37.72 -34.27
CA LYS B 488 -34.26 -38.42 -34.58
C LYS B 488 -33.15 -37.41 -34.87
N VAL B 489 -32.43 -37.03 -33.81
CA VAL B 489 -31.34 -36.08 -33.93
C VAL B 489 -30.10 -36.74 -34.52
N LYS B 490 -29.40 -36.00 -35.39
CA LYS B 490 -28.20 -36.53 -36.03
C LYS B 490 -27.06 -35.51 -36.17
N ALA B 491 -25.83 -36.01 -36.10
CA ALA B 491 -24.64 -35.19 -36.23
C ALA B 491 -23.64 -35.87 -37.16
N ARG B 492 -23.36 -35.23 -38.29
CA ARG B 492 -22.45 -35.78 -39.28
C ARG B 492 -20.98 -35.49 -38.98
N ILE B 493 -20.46 -34.41 -39.58
CA ILE B 493 -19.07 -34.04 -39.36
C ILE B 493 -18.95 -32.85 -38.41
N VAL B 494 -17.74 -32.65 -37.90
CA VAL B 494 -17.48 -31.56 -36.97
C VAL B 494 -16.46 -30.58 -37.53
N GLU B 495 -16.87 -29.31 -37.61
CA GLU B 495 -16.01 -28.26 -38.11
C GLU B 495 -15.53 -27.42 -36.94
N ASN B 496 -16.42 -27.23 -35.97
CA ASN B 496 -16.12 -26.43 -34.79
C ASN B 496 -16.65 -27.04 -33.50
N LEU B 497 -16.85 -26.19 -32.49
CA LEU B 497 -17.34 -26.64 -31.19
C LEU B 497 -18.87 -26.75 -31.22
N SER B 498 -19.51 -25.95 -32.05
CA SER B 498 -20.96 -25.96 -32.17
C SER B 498 -21.43 -27.38 -32.49
N ASP B 499 -20.76 -28.02 -33.44
CA ASP B 499 -21.09 -29.37 -33.86
C ASP B 499 -20.68 -30.38 -32.80
N ILE B 500 -20.81 -29.99 -31.53
CA ILE B 500 -20.44 -30.87 -30.43
C ILE B 500 -21.18 -30.39 -29.18
N ASN B 501 -21.87 -29.27 -29.32
CA ASN B 501 -22.65 -28.68 -28.25
C ASN B 501 -21.81 -27.86 -27.27
N LEU B 502 -20.54 -27.68 -27.59
CA LEU B 502 -19.61 -26.90 -26.76
C LEU B 502 -19.49 -25.46 -27.24
N TYR B 503 -19.44 -24.51 -26.30
CA TYR B 503 -19.30 -23.10 -26.66
C TYR B 503 -18.40 -22.37 -25.69
N ILE B 504 -18.00 -21.16 -26.06
CA ILE B 504 -17.15 -20.35 -25.22
C ILE B 504 -17.60 -18.90 -25.32
N HIS B 505 -17.82 -18.27 -24.18
CA HIS B 505 -18.27 -16.88 -24.15
C HIS B 505 -17.48 -16.11 -25.21
N GLU B 506 -18.07 -15.04 -25.73
CA GLU B 506 -17.40 -14.28 -26.79
C GLU B 506 -16.02 -13.74 -26.43
N ASN B 507 -15.88 -13.12 -25.26
CA ASN B 507 -14.59 -12.57 -24.86
C ASN B 507 -13.45 -13.57 -24.96
N VAL B 508 -13.66 -14.80 -24.47
CA VAL B 508 -12.60 -15.79 -24.53
C VAL B 508 -12.26 -16.05 -25.99
N ARG B 509 -13.28 -16.06 -26.85
CA ARG B 509 -13.05 -16.29 -28.27
C ARG B 509 -12.11 -15.21 -28.74
N ARG B 510 -12.51 -13.94 -28.52
CA ARG B 510 -11.69 -12.81 -28.90
C ARG B 510 -10.29 -12.85 -28.28
N TYR B 511 -10.19 -13.35 -27.05
CA TYR B 511 -8.88 -13.46 -26.41
C TYR B 511 -7.98 -14.32 -27.28
N ILE B 512 -8.49 -15.51 -27.62
CA ILE B 512 -7.74 -16.44 -28.43
C ILE B 512 -7.32 -15.83 -29.76
N LEU B 513 -8.20 -15.06 -30.38
CA LEU B 513 -7.85 -14.42 -31.64
C LEU B 513 -6.76 -13.39 -31.42
N TRP B 514 -7.00 -12.48 -30.48
CA TRP B 514 -6.02 -11.44 -30.17
C TRP B 514 -4.64 -12.01 -29.90
N LYS B 515 -4.59 -13.26 -29.44
CA LYS B 515 -3.31 -13.90 -29.13
C LYS B 515 -2.82 -14.79 -30.27
N LYS B 516 -3.59 -14.81 -31.36
CA LYS B 516 -3.23 -15.63 -32.52
C LYS B 516 -3.30 -17.10 -32.16
N GLY B 517 -4.42 -17.49 -31.55
CA GLY B 517 -4.60 -18.87 -31.17
C GLY B 517 -5.50 -19.54 -32.16
N LYS B 518 -5.49 -20.87 -32.19
CA LYS B 518 -6.30 -21.62 -33.12
C LYS B 518 -7.17 -22.66 -32.45
N ILE B 519 -8.37 -22.86 -32.98
CA ILE B 519 -9.30 -23.86 -32.46
C ILE B 519 -9.53 -24.93 -33.52
N ASP B 520 -8.74 -26.00 -33.45
CA ASP B 520 -8.85 -27.08 -34.41
C ASP B 520 -9.66 -28.27 -33.91
N VAL B 521 -10.99 -28.15 -33.97
CA VAL B 521 -11.86 -29.21 -33.54
C VAL B 521 -12.73 -29.71 -34.70
N ARG B 522 -12.16 -30.62 -35.48
CA ARG B 522 -12.83 -31.18 -36.64
C ARG B 522 -12.98 -32.68 -36.48
N GLY B 523 -13.40 -33.36 -37.54
CA GLY B 523 -13.56 -34.79 -37.49
C GLY B 523 -14.95 -35.32 -37.81
N PRO B 524 -15.04 -36.57 -38.28
CA PRO B 524 -16.29 -37.25 -38.63
C PRO B 524 -16.91 -37.93 -37.41
N LEU B 525 -17.82 -37.24 -36.73
CA LEU B 525 -18.45 -37.82 -35.55
C LEU B 525 -19.47 -38.86 -36.00
N PHE B 526 -20.40 -38.44 -36.86
CA PHE B 526 -21.44 -39.31 -37.39
C PHE B 526 -22.10 -40.14 -36.29
N VAL B 527 -23.30 -39.73 -35.92
CA VAL B 527 -24.07 -40.43 -34.89
C VAL B 527 -25.48 -39.89 -34.87
N THR B 528 -26.44 -40.76 -34.61
CA THR B 528 -27.83 -40.37 -34.57
C THR B 528 -28.52 -40.99 -33.37
N VAL B 529 -29.50 -40.28 -32.82
CA VAL B 529 -30.23 -40.78 -31.68
C VAL B 529 -31.73 -40.78 -31.95
N LYS B 530 -32.27 -41.98 -32.18
CA LYS B 530 -33.70 -42.15 -32.44
C LYS B 530 -34.36 -42.48 -31.11
N ALA B 531 -35.31 -41.65 -30.70
CA ALA B 531 -36.01 -41.87 -29.43
C ALA B 531 -37.52 -41.84 -29.63
N GLU B 532 -38.18 -42.92 -29.24
CA GLU B 532 -39.63 -43.02 -29.37
C GLU B 532 -40.30 -42.62 -28.06
N ILE B 533 -40.96 -41.46 -28.06
CA ILE B 533 -41.66 -40.99 -26.87
C ILE B 533 -43.16 -41.18 -27.04
N GLU B 534 -43.77 -41.87 -26.08
CA GLU B 534 -45.19 -42.15 -26.13
C GLU B 534 -45.95 -41.22 -25.18
N MET C 1 31.23 -12.48 30.70
CA MET C 1 32.44 -12.75 29.88
C MET C 1 32.47 -14.21 29.44
N LYS C 2 33.29 -14.52 28.45
CA LYS C 2 33.39 -15.90 27.96
C LYS C 2 34.03 -16.76 29.04
N PHE C 3 33.29 -17.77 29.48
CA PHE C 3 33.77 -18.67 30.51
C PHE C 3 34.20 -20.00 29.91
N ASP C 4 34.56 -20.95 30.77
CA ASP C 4 34.97 -22.27 30.31
C ASP C 4 33.96 -23.32 30.76
N PRO C 5 33.34 -24.03 29.81
CA PRO C 5 32.35 -25.06 30.10
C PRO C 5 32.83 -26.01 31.20
N GLN C 6 33.94 -26.71 30.92
CA GLN C 6 34.50 -27.64 31.89
C GLN C 6 34.49 -27.07 33.31
N LYS C 7 35.25 -26.01 33.53
CA LYS C 7 35.32 -25.38 34.84
C LYS C 7 33.98 -25.46 35.55
N TYR C 8 33.00 -24.73 35.04
CA TYR C 8 31.66 -24.73 35.62
C TYR C 8 31.04 -26.11 35.54
N ARG C 9 31.35 -26.83 34.47
CA ARG C 9 30.82 -28.17 34.27
C ARG C 9 31.28 -29.09 35.40
N GLU C 10 32.57 -29.05 35.72
CA GLU C 10 33.12 -29.88 36.78
C GLU C 10 32.82 -29.22 38.13
N LEU C 11 33.11 -27.93 38.22
CA LEU C 11 32.89 -27.16 39.44
C LEU C 11 31.46 -27.38 39.93
N ALA C 12 30.59 -27.82 39.03
CA ALA C 12 29.20 -28.06 39.36
C ALA C 12 29.00 -29.35 40.15
N GLU C 13 29.66 -30.42 39.71
CA GLU C 13 29.54 -31.71 40.37
C GLU C 13 29.86 -31.64 41.86
N LYS C 14 30.83 -30.81 42.22
CA LYS C 14 31.19 -30.65 43.62
C LYS C 14 29.98 -30.10 44.36
N ASP C 15 29.92 -28.78 44.51
CA ASP C 15 28.78 -28.15 45.17
C ASP C 15 28.04 -27.30 44.14
N PHE C 16 26.90 -27.82 43.68
CA PHE C 16 26.10 -27.13 42.69
C PHE C 16 25.77 -25.70 43.11
N GLU C 17 24.98 -25.56 44.18
CA GLU C 17 24.59 -24.25 44.69
C GLU C 17 25.67 -23.17 44.57
N ALA C 18 26.82 -23.41 45.20
CA ALA C 18 27.92 -22.44 45.16
C ALA C 18 28.42 -22.21 43.74
N ALA C 19 28.19 -23.19 42.87
CA ALA C 19 28.60 -23.08 41.47
C ALA C 19 27.61 -22.14 40.78
N TRP C 20 26.33 -22.39 40.99
CA TRP C 20 25.26 -21.57 40.43
C TRP C 20 25.51 -20.13 40.85
N LYS C 21 25.61 -19.91 42.16
CA LYS C 21 25.84 -18.58 42.71
C LYS C 21 27.09 -17.94 42.11
N ALA C 22 27.99 -18.76 41.62
CA ALA C 22 29.22 -18.25 41.02
C ALA C 22 28.93 -17.58 39.69
N GLY C 23 27.94 -18.11 38.99
CA GLY C 23 27.56 -17.57 37.69
C GLY C 23 27.60 -16.06 37.57
N LYS C 24 27.13 -15.37 38.60
CA LYS C 24 27.09 -13.91 38.59
C LYS C 24 28.41 -13.27 38.16
N GLU C 25 29.46 -14.07 38.03
CA GLU C 25 30.76 -13.56 37.64
C GLU C 25 30.87 -13.28 36.15
N ILE C 26 30.01 -13.91 35.35
CA ILE C 26 30.04 -13.71 33.91
C ILE C 26 29.25 -12.48 33.51
N LEU C 27 28.33 -12.05 34.37
CA LEU C 27 27.52 -10.87 34.09
C LEU C 27 28.44 -9.66 33.97
N ALA C 28 28.12 -8.76 33.06
CA ALA C 28 28.93 -7.57 32.85
C ALA C 28 28.72 -6.55 33.96
N GLU C 29 29.73 -5.73 34.20
CA GLU C 29 29.64 -4.68 35.20
C GLU C 29 29.38 -3.44 34.36
N ARG C 30 28.17 -2.90 34.48
CA ARG C 30 27.81 -1.74 33.68
C ARG C 30 28.06 -0.38 34.34
N SER C 31 28.54 0.57 33.55
CA SER C 31 28.81 1.91 34.04
C SER C 31 27.46 2.61 34.05
N PRO C 32 27.40 3.85 34.56
CA PRO C 32 26.13 4.58 34.59
C PRO C 32 25.39 4.63 33.25
N ASN C 33 25.99 5.26 32.24
CA ASN C 33 25.34 5.38 30.94
C ASN C 33 25.22 4.12 30.09
N GLU C 34 25.52 2.97 30.67
CA GLU C 34 25.40 1.71 29.96
C GLU C 34 24.22 0.94 30.54
N LEU C 35 23.52 1.58 31.47
CA LEU C 35 22.38 0.95 32.13
C LEU C 35 21.05 1.37 31.53
N TYR C 36 20.04 0.53 31.75
CA TYR C 36 18.70 0.81 31.26
C TYR C 36 18.14 1.93 32.12
N PRO C 37 17.37 2.85 31.52
CA PRO C 37 17.00 2.90 30.11
C PRO C 37 17.85 3.89 29.32
N ARG C 38 19.09 4.07 29.73
CA ARG C 38 19.96 5.00 29.03
C ARG C 38 20.53 4.30 27.80
N VAL C 39 20.09 3.05 27.62
CA VAL C 39 20.52 2.21 26.50
C VAL C 39 19.29 1.44 26.06
N GLY C 40 19.15 1.25 24.76
CA GLY C 40 18.02 0.51 24.24
C GLY C 40 17.98 0.48 22.74
N PHE C 41 17.24 -0.48 22.18
CA PHE C 41 17.13 -0.62 20.74
C PHE C 41 16.09 0.37 20.22
N SER C 42 16.00 0.46 18.90
CA SER C 42 15.06 1.35 18.24
C SER C 42 14.42 0.56 17.10
N PHE C 43 13.49 1.19 16.40
CA PHE C 43 12.84 0.50 15.29
C PHE C 43 11.96 1.44 14.49
N GLY C 44 11.99 1.28 13.17
CA GLY C 44 11.19 2.12 12.31
C GLY C 44 9.72 2.03 12.65
N LYS C 45 8.98 3.08 12.29
CA LYS C 45 7.55 3.15 12.54
C LYS C 45 6.94 3.59 11.21
N GLU C 46 5.81 3.00 10.84
CA GLU C 46 5.16 3.33 9.58
C GLU C 46 4.15 4.47 9.67
N HIS C 47 3.81 5.03 8.52
CA HIS C 47 2.86 6.14 8.43
C HIS C 47 1.42 5.66 8.29
N PRO C 48 0.50 6.24 9.07
CA PRO C 48 -0.91 5.83 9.02
C PRO C 48 -1.53 5.88 7.65
N LEU C 49 -1.06 6.77 6.79
CA LEU C 49 -1.64 6.87 5.46
C LEU C 49 -1.32 5.58 4.74
N PHE C 50 -0.03 5.38 4.51
CA PHE C 50 0.46 4.19 3.84
C PHE C 50 -0.06 2.90 4.44
N ALA C 51 0.02 2.80 5.77
CA ALA C 51 -0.48 1.62 6.46
C ALA C 51 -1.89 1.32 5.98
N THR C 52 -2.72 2.35 6.00
CA THR C 52 -4.08 2.21 5.56
C THR C 52 -4.14 1.78 4.10
N ILE C 53 -3.28 2.36 3.27
CA ILE C 53 -3.28 1.99 1.88
C ILE C 53 -3.12 0.48 1.79
N GLN C 54 -2.05 -0.03 2.39
CA GLN C 54 -1.83 -1.48 2.37
C GLN C 54 -3.05 -2.22 2.87
N ARG C 55 -3.62 -1.78 4.00
CA ARG C 55 -4.79 -2.45 4.53
C ARG C 55 -5.84 -2.48 3.43
N LEU C 56 -5.96 -1.39 2.68
CA LEU C 56 -6.94 -1.34 1.59
C LEU C 56 -6.62 -2.38 0.52
N ARG C 57 -5.35 -2.50 0.15
CA ARG C 57 -4.95 -3.46 -0.87
C ARG C 57 -5.42 -4.86 -0.52
N GLU C 58 -5.00 -5.33 0.64
CA GLU C 58 -5.38 -6.65 1.07
C GLU C 58 -6.89 -6.74 1.08
N ALA C 59 -7.54 -5.70 1.57
CA ALA C 59 -8.99 -5.72 1.59
C ALA C 59 -9.53 -6.05 0.20
N TYR C 60 -9.13 -5.28 -0.80
CA TYR C 60 -9.59 -5.49 -2.17
C TYR C 60 -9.24 -6.87 -2.70
N LEU C 61 -8.00 -7.30 -2.46
CA LEU C 61 -7.55 -8.62 -2.89
C LEU C 61 -8.38 -9.70 -2.18
N SER C 62 -8.65 -9.46 -0.90
CA SER C 62 -9.44 -10.37 -0.09
C SER C 62 -10.82 -10.63 -0.68
N ILE C 63 -11.20 -9.86 -1.70
CA ILE C 63 -12.51 -10.05 -2.30
C ILE C 63 -12.50 -10.21 -3.81
N GLY C 64 -11.41 -10.77 -4.33
CA GLY C 64 -11.33 -11.07 -5.75
C GLY C 64 -10.71 -10.09 -6.69
N PHE C 65 -10.63 -8.83 -6.28
CA PHE C 65 -10.09 -7.80 -7.13
C PHE C 65 -8.58 -7.83 -7.30
N SER C 66 -8.14 -7.86 -8.56
CA SER C 66 -6.71 -7.89 -8.88
C SER C 66 -6.17 -6.47 -9.06
N GLU C 67 -4.91 -6.26 -8.73
CA GLU C 67 -4.29 -4.94 -8.81
C GLU C 67 -3.90 -4.50 -10.20
N VAL C 68 -3.95 -3.18 -10.41
CA VAL C 68 -3.60 -2.56 -11.69
C VAL C 68 -3.06 -1.15 -11.51
N VAL C 69 -2.13 -0.75 -12.38
CA VAL C 69 -1.60 0.60 -12.33
C VAL C 69 -2.30 1.33 -13.45
N ASN C 70 -3.07 2.36 -13.12
CA ASN C 70 -3.78 3.10 -14.15
C ASN C 70 -3.01 4.35 -14.57
N PRO C 71 -3.24 4.80 -15.81
CA PRO C 71 -2.57 5.98 -16.34
C PRO C 71 -2.81 7.16 -15.43
N LEU C 72 -1.75 7.88 -15.09
CA LEU C 72 -1.89 9.03 -14.21
C LEU C 72 -1.89 10.34 -15.03
N ILE C 73 -0.91 10.50 -15.91
CA ILE C 73 -0.81 11.68 -16.76
C ILE C 73 -1.58 11.39 -18.04
N VAL C 74 -2.55 12.24 -18.36
CA VAL C 74 -3.34 12.01 -19.56
C VAL C 74 -3.76 13.30 -20.27
N GLU C 75 -4.20 13.17 -21.52
CA GLU C 75 -4.65 14.31 -22.31
C GLU C 75 -6.10 14.62 -21.95
N ASP C 76 -6.40 15.90 -21.71
CA ASP C 76 -7.76 16.29 -21.33
C ASP C 76 -8.82 15.79 -22.28
N VAL C 77 -8.43 15.39 -23.48
CA VAL C 77 -9.39 14.87 -24.45
C VAL C 77 -10.11 13.67 -23.84
N HIS C 78 -9.42 12.95 -22.94
CA HIS C 78 -9.99 11.79 -22.28
C HIS C 78 -11.12 12.23 -21.35
N VAL C 79 -10.86 13.27 -20.57
CA VAL C 79 -11.87 13.77 -19.65
C VAL C 79 -13.07 14.19 -20.49
N LYS C 80 -12.79 14.83 -21.62
CA LYS C 80 -13.84 15.28 -22.53
C LYS C 80 -14.62 14.08 -23.04
N LYS C 81 -13.91 13.05 -23.47
CA LYS C 81 -14.54 11.84 -23.97
C LYS C 81 -15.48 11.22 -22.92
N GLN C 82 -15.12 11.40 -21.65
CA GLN C 82 -15.90 10.83 -20.56
C GLN C 82 -17.09 11.64 -20.04
N PHE C 83 -16.91 12.94 -19.83
CA PHE C 83 -18.00 13.77 -19.32
C PHE C 83 -18.87 14.43 -20.37
N GLY C 84 -18.97 13.82 -21.55
CA GLY C 84 -19.79 14.38 -22.60
C GLY C 84 -19.64 15.89 -22.72
N ARG C 85 -20.67 16.62 -22.31
CA ARG C 85 -20.66 18.07 -22.38
C ARG C 85 -20.24 18.74 -21.07
N GLU C 86 -20.64 18.13 -19.96
CA GLU C 86 -20.31 18.67 -18.63
C GLU C 86 -18.80 18.69 -18.38
N ALA C 87 -18.03 18.24 -19.36
CA ALA C 87 -16.58 18.18 -19.23
C ALA C 87 -15.88 19.52 -19.02
N LEU C 88 -16.42 20.59 -19.59
CA LEU C 88 -15.79 21.90 -19.44
C LEU C 88 -15.64 22.23 -17.96
N ALA C 89 -16.68 21.94 -17.19
CA ALA C 89 -16.68 22.20 -15.77
C ALA C 89 -15.55 21.42 -15.09
N VAL C 90 -15.56 20.11 -15.31
CA VAL C 90 -14.56 19.23 -14.74
C VAL C 90 -13.13 19.72 -14.91
N LEU C 91 -12.77 20.10 -16.14
CA LEU C 91 -11.42 20.57 -16.41
C LEU C 91 -10.96 21.76 -15.57
N ASP C 92 -11.86 22.34 -14.79
CA ASP C 92 -11.49 23.48 -13.96
C ASP C 92 -10.84 22.99 -12.68
N ARG C 93 -11.33 21.87 -12.15
CA ARG C 93 -10.81 21.30 -10.92
C ARG C 93 -9.54 20.50 -11.16
N CYS C 94 -9.17 20.35 -12.44
CA CYS C 94 -7.98 19.60 -12.82
C CYS C 94 -6.78 20.48 -13.09
N PHE C 95 -5.58 19.91 -13.04
CA PHE C 95 -4.37 20.65 -13.33
C PHE C 95 -3.94 20.31 -14.75
N TYR C 96 -2.99 21.09 -15.28
CA TYR C 96 -2.43 20.83 -16.60
C TYR C 96 -0.92 20.85 -16.43
N LEU C 97 -0.22 20.23 -17.38
CA LEU C 97 1.23 20.19 -17.29
C LEU C 97 1.90 21.20 -18.23
N ALA C 98 2.77 22.03 -17.68
CA ALA C 98 3.47 23.03 -18.46
C ALA C 98 4.98 22.83 -18.36
N THR C 99 5.66 22.98 -19.49
CA THR C 99 7.10 22.80 -19.56
C THR C 99 7.83 24.10 -19.87
N LEU C 100 9.16 24.06 -19.83
CA LEU C 100 9.98 25.22 -20.14
C LEU C 100 10.63 25.02 -21.51
N PRO C 101 10.36 25.92 -22.47
CA PRO C 101 10.96 25.78 -23.79
C PRO C 101 12.48 25.96 -23.74
N LYS C 102 13.20 25.18 -24.54
CA LYS C 102 14.66 25.23 -24.57
C LYS C 102 15.17 26.52 -25.22
N PRO C 103 15.73 27.44 -24.41
CA PRO C 103 16.25 28.71 -24.93
C PRO C 103 17.36 28.52 -25.96
N ASN C 104 16.95 28.29 -27.22
CA ASN C 104 17.89 28.10 -28.32
C ASN C 104 18.94 27.02 -28.05
N LEU C 174 12.02 30.84 -16.76
CA LEU C 174 11.51 31.87 -17.72
C LEU C 174 9.99 31.89 -17.73
N LYS C 175 9.39 31.41 -18.82
CA LYS C 175 7.95 31.39 -18.97
C LYS C 175 7.47 30.00 -19.36
N PRO C 176 6.85 29.27 -18.41
CA PRO C 176 6.33 27.91 -18.63
C PRO C 176 5.22 27.84 -19.66
N ILE C 177 5.22 26.79 -20.48
CA ILE C 177 4.21 26.61 -21.52
C ILE C 177 3.30 25.44 -21.24
N SER C 178 2.01 25.72 -21.05
CA SER C 178 1.04 24.68 -20.77
C SER C 178 0.92 23.72 -21.94
N SER C 179 0.18 22.64 -21.71
CA SER C 179 -0.06 21.61 -22.72
C SER C 179 -1.43 21.01 -22.47
N THR C 180 -1.86 20.12 -23.36
CA THR C 180 -3.15 19.48 -23.22
C THR C 180 -3.12 18.42 -22.13
N LEU C 181 -1.93 18.15 -21.59
CA LEU C 181 -1.74 17.17 -20.54
C LEU C 181 -2.27 17.59 -19.18
N THR C 182 -2.99 16.67 -18.53
CA THR C 182 -3.55 16.93 -17.21
C THR C 182 -3.29 15.73 -16.32
N LEU C 183 -3.30 15.96 -15.01
CA LEU C 183 -3.13 14.88 -14.03
C LEU C 183 -4.56 14.44 -13.74
N ARG C 184 -4.78 13.14 -13.61
CA ARG C 184 -6.12 12.61 -13.33
C ARG C 184 -6.63 13.15 -12.01
N SER C 185 -7.90 13.54 -11.97
CA SER C 185 -8.50 14.08 -10.76
C SER C 185 -8.91 12.91 -9.89
N HIS C 186 -9.61 11.95 -10.48
CA HIS C 186 -10.04 10.77 -9.77
C HIS C 186 -9.53 9.58 -10.56
N MET C 187 -9.69 8.38 -10.03
CA MET C 187 -9.23 7.20 -10.71
C MET C 187 -9.98 6.97 -12.01
N THR C 188 -11.29 7.18 -11.98
CA THR C 188 -12.14 6.96 -13.16
C THR C 188 -11.61 7.44 -14.50
N THR C 189 -10.82 8.51 -14.51
CA THR C 189 -10.28 9.03 -15.76
C THR C 189 -9.39 8.00 -16.44
N GLY C 190 -8.59 7.30 -15.66
CA GLY C 190 -7.70 6.29 -16.20
C GLY C 190 -8.36 4.94 -16.42
N TRP C 191 -9.35 4.61 -15.61
CA TRP C 191 -10.02 3.33 -15.79
C TRP C 191 -10.38 3.08 -17.24
N PHE C 192 -11.21 3.94 -17.82
CA PHE C 192 -11.62 3.72 -19.21
C PHE C 192 -10.44 3.39 -20.09
N ILE C 193 -9.35 4.14 -19.95
CA ILE C 193 -8.14 3.89 -20.73
C ILE C 193 -7.71 2.43 -20.55
N THR C 194 -7.63 1.99 -19.31
CA THR C 194 -7.23 0.62 -19.02
C THR C 194 -8.23 -0.41 -19.52
N LEU C 195 -9.48 -0.28 -19.10
CA LEU C 195 -10.52 -1.23 -19.48
C LEU C 195 -10.66 -1.42 -20.97
N SER C 196 -10.41 -0.37 -21.73
CA SER C 196 -10.52 -0.44 -23.18
C SER C 196 -9.74 -1.60 -23.79
N HIS C 197 -8.58 -1.91 -23.22
CA HIS C 197 -7.74 -2.99 -23.73
C HIS C 197 -8.12 -4.40 -23.27
N ILE C 198 -9.04 -4.53 -22.32
CA ILE C 198 -9.35 -5.86 -21.83
C ILE C 198 -10.82 -6.23 -21.67
N ALA C 199 -11.68 -5.23 -21.53
CA ALA C 199 -13.11 -5.46 -21.33
C ALA C 199 -13.75 -6.46 -22.29
N ASP C 200 -13.18 -6.59 -23.49
CA ASP C 200 -13.74 -7.51 -24.49
C ASP C 200 -12.93 -8.79 -24.67
N LYS C 201 -11.72 -8.84 -24.15
CA LYS C 201 -10.86 -10.01 -24.30
C LYS C 201 -10.83 -10.98 -23.11
N LEU C 202 -10.64 -10.46 -21.91
CA LEU C 202 -10.61 -11.30 -20.73
C LEU C 202 -12.00 -11.82 -20.41
N PRO C 203 -12.08 -12.94 -19.68
CA PRO C 203 -13.35 -13.55 -19.29
C PRO C 203 -14.05 -12.77 -18.20
N LEU C 204 -15.37 -12.64 -18.31
CA LEU C 204 -16.14 -11.91 -17.30
C LEU C 204 -16.46 -12.84 -16.14
N PRO C 205 -16.62 -12.29 -14.93
CA PRO C 205 -16.51 -10.88 -14.52
C PRO C 205 -15.10 -10.40 -14.27
N ILE C 206 -14.81 -9.18 -14.70
CA ILE C 206 -13.50 -8.59 -14.49
C ILE C 206 -13.57 -7.76 -13.23
N LYS C 207 -12.61 -7.92 -12.34
CA LYS C 207 -12.58 -7.18 -11.10
C LYS C 207 -11.18 -6.63 -10.94
N LEU C 208 -11.08 -5.31 -11.00
CA LEU C 208 -9.79 -4.66 -10.89
C LEU C 208 -9.87 -3.56 -9.85
N PHE C 209 -8.74 -3.26 -9.22
CA PHE C 209 -8.69 -2.20 -8.23
C PHE C 209 -7.32 -1.55 -8.30
N SER C 210 -7.20 -0.40 -7.66
CA SER C 210 -5.94 0.32 -7.61
C SER C 210 -6.00 1.43 -6.58
N ILE C 211 -4.91 1.61 -5.87
CA ILE C 211 -4.82 2.62 -4.84
C ILE C 211 -3.60 3.46 -5.14
N ASP C 212 -3.83 4.58 -5.79
CA ASP C 212 -2.75 5.47 -6.21
C ASP C 212 -3.14 6.94 -6.01
N ARG C 213 -2.23 7.83 -6.37
CA ARG C 213 -2.42 9.27 -6.26
C ARG C 213 -3.27 9.95 -7.35
N CYS C 214 -3.98 10.98 -6.93
CA CYS C 214 -4.82 11.77 -7.81
C CYS C 214 -4.59 13.23 -7.43
N PHE C 215 -4.86 14.12 -8.37
CA PHE C 215 -4.65 15.55 -8.11
C PHE C 215 -5.91 16.32 -8.44
N ARG C 216 -6.25 17.27 -7.56
CA ARG C 216 -7.44 18.06 -7.76
C ARG C 216 -7.29 19.47 -7.24
N ARG C 217 -7.80 20.42 -8.01
CA ARG C 217 -7.76 21.83 -7.67
C ARG C 217 -9.12 22.18 -7.09
N GLU C 218 -9.38 21.74 -5.86
CA GLU C 218 -10.65 22.02 -5.21
C GLU C 218 -10.57 23.39 -4.55
N GLN C 219 -10.97 24.42 -5.29
CA GLN C 219 -10.94 25.79 -4.81
C GLN C 219 -9.49 26.27 -4.74
N GLY C 220 -8.56 25.32 -4.78
CA GLY C 220 -7.15 25.65 -4.72
C GLY C 220 -6.74 26.16 -3.35
N GLU C 221 -7.14 25.43 -2.31
CA GLU C 221 -6.82 25.82 -0.93
C GLU C 221 -6.04 24.73 -0.21
N ASP C 222 -6.21 24.66 1.11
CA ASP C 222 -5.54 23.66 1.92
C ASP C 222 -6.30 23.47 3.22
N ALA C 223 -6.90 24.55 3.72
CA ALA C 223 -7.67 24.51 4.96
C ALA C 223 -8.76 23.44 4.91
N THR C 224 -9.33 23.23 3.73
CA THR C 224 -10.38 22.23 3.55
C THR C 224 -9.83 20.89 3.04
N ARG C 225 -9.06 20.94 1.95
CA ARG C 225 -8.48 19.73 1.37
C ARG C 225 -7.12 20.03 0.74
N LEU C 226 -6.39 18.97 0.40
CA LEU C 226 -5.07 19.10 -0.20
C LEU C 226 -5.13 18.96 -1.71
N TYR C 227 -4.02 19.24 -2.38
CA TYR C 227 -3.96 19.15 -3.84
C TYR C 227 -3.81 17.71 -4.31
N THR C 228 -3.21 16.86 -3.47
CA THR C 228 -3.01 15.46 -3.82
C THR C 228 -3.58 14.52 -2.77
N TYR C 229 -4.34 13.53 -3.23
CA TYR C 229 -4.94 12.55 -2.32
C TYR C 229 -4.88 11.15 -2.92
N PHE C 230 -5.15 10.15 -2.10
CA PHE C 230 -5.13 8.78 -2.55
C PHE C 230 -6.54 8.25 -2.75
N SER C 231 -6.74 7.60 -3.89
CA SER C 231 -8.04 7.01 -4.19
C SER C 231 -7.92 5.50 -4.06
N ALA C 232 -8.88 4.88 -3.39
CA ALA C 232 -8.89 3.43 -3.22
C ALA C 232 -10.02 3.00 -4.13
N SER C 233 -9.72 2.91 -5.41
CA SER C 233 -10.72 2.58 -6.41
C SER C 233 -10.72 1.17 -6.98
N CYS C 234 -11.86 0.80 -7.55
CA CYS C 234 -12.02 -0.50 -8.17
C CYS C 234 -13.10 -0.41 -9.24
N VAL C 235 -13.16 -1.41 -10.10
CA VAL C 235 -14.16 -1.44 -11.16
C VAL C 235 -14.57 -2.89 -11.41
N LEU C 236 -15.87 -3.12 -11.58
CA LEU C 236 -16.40 -4.46 -11.81
C LEU C 236 -17.04 -4.48 -13.20
N VAL C 237 -16.64 -5.45 -14.02
CA VAL C 237 -17.15 -5.57 -15.39
C VAL C 237 -17.86 -6.88 -15.68
N ASP C 238 -19.19 -6.86 -15.78
CA ASP C 238 -19.95 -8.07 -16.06
C ASP C 238 -21.12 -7.76 -17.01
N GLU C 239 -21.75 -8.80 -17.55
CA GLU C 239 -22.87 -8.60 -18.47
C GLU C 239 -24.03 -7.92 -17.78
N GLU C 240 -24.37 -8.37 -16.58
CA GLU C 240 -25.46 -7.77 -15.83
C GLU C 240 -24.94 -7.15 -14.54
N LEU C 241 -25.21 -5.87 -14.36
CA LEU C 241 -24.81 -5.14 -13.16
C LEU C 241 -25.97 -4.27 -12.70
N SER C 242 -25.84 -3.73 -11.50
CA SER C 242 -26.86 -2.86 -10.95
C SER C 242 -26.30 -2.16 -9.74
N VAL C 243 -26.99 -1.13 -9.31
CA VAL C 243 -26.55 -0.36 -8.16
C VAL C 243 -26.27 -1.32 -7.00
N ASP C 244 -26.80 -2.53 -7.08
CA ASP C 244 -26.63 -3.53 -6.03
C ASP C 244 -25.20 -4.03 -5.88
N ASP C 245 -24.59 -4.43 -7.00
CA ASP C 245 -23.20 -4.88 -6.96
C ASP C 245 -22.33 -3.81 -6.31
N GLY C 246 -22.68 -2.54 -6.52
CA GLY C 246 -21.93 -1.47 -5.91
C GLY C 246 -22.02 -1.56 -4.40
N LYS C 247 -23.25 -1.61 -3.89
CA LYS C 247 -23.49 -1.71 -2.46
C LYS C 247 -22.75 -2.93 -1.90
N ALA C 248 -22.88 -4.05 -2.60
CA ALA C 248 -22.23 -5.29 -2.20
C ALA C 248 -20.73 -5.09 -1.94
N VAL C 249 -20.03 -4.56 -2.94
CA VAL C 249 -18.61 -4.33 -2.80
C VAL C 249 -18.30 -3.38 -1.65
N ALA C 250 -18.98 -2.24 -1.59
CA ALA C 250 -18.76 -1.29 -0.53
C ALA C 250 -18.81 -1.99 0.81
N GLU C 251 -19.79 -2.87 0.99
CA GLU C 251 -19.85 -3.58 2.27
C GLU C 251 -18.60 -4.43 2.49
N ALA C 252 -18.41 -5.45 1.66
CA ALA C 252 -17.26 -6.34 1.81
C ALA C 252 -15.99 -5.57 2.11
N LEU C 253 -15.82 -4.46 1.42
CA LEU C 253 -14.64 -3.66 1.62
C LEU C 253 -14.65 -3.03 3.01
N LEU C 254 -15.63 -2.17 3.26
CA LEU C 254 -15.71 -1.48 4.55
C LEU C 254 -15.80 -2.34 5.80
N ARG C 255 -16.34 -3.55 5.68
CA ARG C 255 -16.47 -4.42 6.84
C ARG C 255 -15.10 -4.81 7.40
N GLN C 256 -14.18 -5.13 6.50
CA GLN C 256 -12.83 -5.52 6.88
C GLN C 256 -12.11 -4.41 7.64
N PHE C 257 -12.73 -3.24 7.75
CA PHE C 257 -12.12 -2.13 8.46
C PHE C 257 -12.84 -1.76 9.75
N GLY C 258 -13.84 -2.56 10.09
CA GLY C 258 -14.55 -2.29 11.33
C GLY C 258 -15.92 -1.68 11.21
N PHE C 259 -16.31 -1.30 10.00
CA PHE C 259 -17.63 -0.71 9.80
C PHE C 259 -18.62 -1.84 10.00
N GLU C 260 -19.78 -1.53 10.57
CA GLU C 260 -20.77 -2.56 10.83
C GLU C 260 -22.10 -2.40 10.15
N ASN C 261 -22.50 -1.16 9.89
CA ASN C 261 -23.78 -0.91 9.25
C ASN C 261 -23.64 0.10 8.11
N PHE C 262 -24.34 -0.15 7.01
CA PHE C 262 -24.26 0.71 5.84
C PHE C 262 -25.59 1.23 5.32
N ARG C 263 -25.59 2.47 4.86
CA ARG C 263 -26.77 3.12 4.29
C ARG C 263 -26.37 3.84 3.00
N PHE C 264 -27.11 3.61 1.92
CA PHE C 264 -26.80 4.23 0.63
C PHE C 264 -27.85 5.24 0.15
N ARG C 265 -27.39 6.42 -0.27
CA ARG C 265 -28.29 7.46 -0.77
C ARG C 265 -27.81 8.00 -2.11
N LYS C 266 -28.73 8.09 -3.08
CA LYS C 266 -28.41 8.58 -4.43
C LYS C 266 -27.72 9.94 -4.39
N ASP C 267 -26.63 10.07 -5.12
CA ASP C 267 -25.88 11.31 -5.16
C ASP C 267 -26.58 12.32 -6.04
N GLU C 268 -26.74 13.54 -5.53
CA GLU C 268 -27.41 14.61 -6.25
C GLU C 268 -26.67 15.13 -7.48
N LYS C 269 -25.37 15.35 -7.37
CA LYS C 269 -24.60 15.86 -8.50
C LYS C 269 -24.75 15.07 -9.79
N ARG C 270 -25.36 13.90 -9.71
CA ARG C 270 -25.58 13.03 -10.88
C ARG C 270 -24.53 13.22 -11.97
N SER C 271 -23.26 12.97 -11.66
CA SER C 271 -22.20 13.13 -12.65
C SER C 271 -22.58 12.40 -13.94
N LYS C 272 -22.29 13.04 -15.06
CA LYS C 272 -22.63 12.47 -16.36
C LYS C 272 -21.96 11.17 -16.74
N TYR C 273 -20.80 10.88 -16.16
CA TYR C 273 -20.11 9.64 -16.50
C TYR C 273 -20.74 8.40 -15.87
N TYR C 274 -21.75 8.62 -15.04
CA TYR C 274 -22.45 7.51 -14.39
C TYR C 274 -23.87 7.40 -14.89
N ILE C 275 -24.21 6.22 -15.40
CA ILE C 275 -25.56 5.95 -15.88
C ILE C 275 -26.52 6.70 -14.97
N PRO C 276 -27.31 7.63 -15.53
CA PRO C 276 -28.26 8.41 -14.75
C PRO C 276 -29.00 7.66 -13.65
N ASP C 277 -28.77 8.10 -12.42
CA ASP C 277 -29.39 7.53 -11.24
C ASP C 277 -28.75 6.26 -10.68
N THR C 278 -27.45 6.09 -10.90
CA THR C 278 -26.74 4.92 -10.38
C THR C 278 -25.77 5.43 -9.34
N GLN C 279 -25.28 6.64 -9.58
CA GLN C 279 -24.33 7.29 -8.70
C GLN C 279 -24.91 7.33 -7.30
N THR C 280 -24.22 6.66 -6.37
CA THR C 280 -24.65 6.60 -4.98
C THR C 280 -23.57 7.08 -4.02
N GLU C 281 -23.98 7.40 -2.79
CA GLU C 281 -23.06 7.84 -1.74
C GLU C 281 -23.21 6.86 -0.57
N VAL C 282 -22.16 6.15 -0.21
CA VAL C 282 -22.25 5.18 0.88
C VAL C 282 -21.91 5.72 2.27
N PHE C 283 -22.79 5.43 3.21
CA PHE C 283 -22.63 5.85 4.59
C PHE C 283 -22.41 4.61 5.43
N ALA C 284 -21.39 4.64 6.27
CA ALA C 284 -21.07 3.49 7.10
C ALA C 284 -21.06 3.83 8.58
N PHE C 285 -21.37 2.84 9.38
CA PHE C 285 -21.39 3.01 10.83
C PHE C 285 -20.18 2.38 11.50
N HIS C 286 -19.42 3.19 12.23
CA HIS C 286 -18.27 2.67 12.93
C HIS C 286 -18.34 3.02 14.41
N PRO C 287 -18.40 2.00 15.26
CA PRO C 287 -18.46 2.17 16.71
C PRO C 287 -17.34 3.05 17.25
N LYS C 288 -16.21 3.03 16.56
CA LYS C 288 -15.08 3.84 16.98
C LYS C 288 -15.43 5.33 16.88
N LEU C 289 -16.51 5.65 16.18
CA LEU C 289 -16.93 7.04 16.00
C LEU C 289 -18.00 7.53 16.98
N VAL C 290 -18.82 6.62 17.48
CA VAL C 290 -19.87 7.02 18.42
C VAL C 290 -19.26 7.61 19.68
N GLY C 291 -19.55 8.87 19.94
CA GLY C 291 -18.99 9.53 21.11
C GLY C 291 -17.73 10.27 20.72
N SER C 292 -17.60 10.54 19.42
CA SER C 292 -16.45 11.25 18.89
C SER C 292 -16.60 12.76 19.09
N SER C 293 -15.47 13.44 19.16
CA SER C 293 -15.47 14.89 19.35
C SER C 293 -15.85 15.58 18.03
N THR C 294 -17.00 15.22 17.49
CA THR C 294 -17.49 15.78 16.24
C THR C 294 -18.92 15.32 15.95
N LYS C 295 -19.45 15.72 14.80
CA LYS C 295 -20.80 15.35 14.42
C LYS C 295 -20.89 13.87 14.04
N TYR C 296 -19.75 13.24 13.80
CA TYR C 296 -19.70 11.82 13.45
C TYR C 296 -20.02 11.04 14.73
N SER C 297 -20.60 11.71 15.70
CA SER C 297 -20.96 11.12 16.98
C SER C 297 -21.98 10.00 16.87
N ASP C 298 -22.99 10.19 16.00
CA ASP C 298 -24.00 9.16 15.83
C ASP C 298 -23.35 7.89 15.31
N GLY C 299 -22.08 8.00 14.93
CA GLY C 299 -21.34 6.86 14.43
C GLY C 299 -21.26 6.73 12.92
N TRP C 300 -22.11 7.44 12.19
CA TRP C 300 -22.09 7.34 10.75
C TRP C 300 -21.22 8.38 10.07
N ILE C 301 -20.81 8.07 8.84
CA ILE C 301 -19.98 8.95 8.03
C ILE C 301 -20.05 8.53 6.55
N GLU C 302 -19.93 9.52 5.66
CA GLU C 302 -19.96 9.24 4.24
C GLU C 302 -18.57 8.75 4.01
N ILE C 303 -18.44 7.51 3.52
CA ILE C 303 -17.11 6.94 3.32
C ILE C 303 -16.69 6.66 1.88
N ALA C 304 -17.67 6.41 1.01
CA ALA C 304 -17.37 6.13 -0.39
C ALA C 304 -18.54 6.39 -1.32
N THR C 305 -18.22 6.61 -2.58
CA THR C 305 -19.22 6.86 -3.61
C THR C 305 -19.01 5.89 -4.75
N PHE C 306 -20.07 5.60 -5.51
CA PHE C 306 -19.95 4.66 -6.61
C PHE C 306 -21.09 4.79 -7.61
N GLY C 307 -20.92 4.18 -8.77
CA GLY C 307 -21.95 4.21 -9.79
C GLY C 307 -21.68 3.24 -10.91
N ILE C 308 -22.49 3.30 -11.96
CA ILE C 308 -22.27 2.45 -13.12
C ILE C 308 -21.96 3.41 -14.26
N TYR C 309 -20.85 3.19 -14.95
CA TYR C 309 -20.47 4.07 -16.06
C TYR C 309 -21.55 4.09 -17.13
N SER C 310 -21.73 5.23 -17.78
CA SER C 310 -22.77 5.34 -18.80
C SER C 310 -22.29 4.83 -20.14
N PRO C 311 -23.16 4.12 -20.88
CA PRO C 311 -22.88 3.55 -22.20
C PRO C 311 -22.21 4.56 -23.09
N THR C 312 -22.53 5.83 -22.85
CA THR C 312 -21.97 6.93 -23.60
C THR C 312 -20.44 6.86 -23.48
N ALA C 313 -19.92 7.05 -22.28
CA ALA C 313 -18.49 7.01 -22.05
C ALA C 313 -17.86 5.66 -22.40
N LEU C 314 -18.51 4.58 -21.98
CA LEU C 314 -17.98 3.26 -22.27
C LEU C 314 -17.76 3.10 -23.78
N ALA C 315 -18.72 3.61 -24.55
CA ALA C 315 -18.66 3.52 -26.00
C ALA C 315 -17.46 4.28 -26.55
N GLU C 316 -17.12 5.39 -25.92
CA GLU C 316 -15.98 6.16 -26.39
C GLU C 316 -14.70 5.33 -26.41
N TYR C 317 -14.65 4.28 -25.61
CA TYR C 317 -13.47 3.42 -25.58
C TYR C 317 -13.71 1.98 -26.07
N ASP C 318 -14.85 1.76 -26.72
CA ASP C 318 -15.20 0.46 -27.26
C ASP C 318 -15.55 -0.62 -26.22
N ILE C 319 -15.87 -0.18 -25.01
CA ILE C 319 -16.24 -1.10 -23.94
C ILE C 319 -17.72 -1.46 -24.03
N PRO C 320 -18.02 -2.69 -24.47
CA PRO C 320 -19.38 -3.19 -24.61
C PRO C 320 -20.22 -3.45 -23.37
N TYR C 321 -19.59 -3.74 -22.24
CA TYR C 321 -20.37 -4.05 -21.03
C TYR C 321 -20.39 -3.01 -19.93
N PRO C 322 -21.46 -3.02 -19.12
CA PRO C 322 -21.58 -2.07 -18.02
C PRO C 322 -20.37 -2.20 -17.11
N VAL C 323 -20.16 -1.21 -16.25
CA VAL C 323 -19.02 -1.24 -15.36
C VAL C 323 -19.40 -0.57 -14.06
N MET C 324 -19.13 -1.26 -12.95
CA MET C 324 -19.44 -0.71 -11.65
C MET C 324 -18.14 -0.17 -11.10
N ASN C 325 -18.18 1.06 -10.61
CA ASN C 325 -17.00 1.68 -10.07
C ASN C 325 -17.31 2.25 -8.69
N LEU C 326 -16.55 1.78 -7.71
CA LEU C 326 -16.66 2.21 -6.33
C LEU C 326 -15.30 2.77 -5.99
N GLY C 327 -15.27 3.95 -5.39
CA GLY C 327 -14.01 4.56 -5.04
C GLY C 327 -14.08 5.25 -3.69
N LEU C 328 -13.14 4.95 -2.79
CA LEU C 328 -13.16 5.59 -1.49
C LEU C 328 -11.92 6.39 -1.20
N GLY C 329 -12.10 7.45 -0.42
CA GLY C 329 -11.01 8.33 -0.07
C GLY C 329 -10.23 7.81 1.10
N VAL C 330 -8.96 7.57 0.87
CA VAL C 330 -8.09 7.05 1.90
C VAL C 330 -7.89 7.96 3.10
N GLU C 331 -7.33 9.14 2.86
CA GLU C 331 -7.07 10.08 3.94
C GLU C 331 -8.14 10.05 5.02
N ARG C 332 -9.40 9.98 4.61
CA ARG C 332 -10.48 9.92 5.58
C ARG C 332 -10.46 8.62 6.40
N LEU C 333 -10.44 7.47 5.73
CA LEU C 333 -10.39 6.18 6.43
C LEU C 333 -9.25 6.19 7.42
N ALA C 334 -8.07 6.58 6.95
CA ALA C 334 -6.89 6.62 7.79
C ALA C 334 -7.14 7.41 9.06
N MET C 335 -7.69 8.60 8.93
CA MET C 335 -7.97 9.44 10.09
C MET C 335 -8.87 8.67 11.04
N ILE C 336 -9.88 8.01 10.48
CA ILE C 336 -10.80 7.24 11.28
C ILE C 336 -10.10 6.09 11.97
N LEU C 337 -9.28 5.36 11.21
CA LEU C 337 -8.56 4.22 11.74
C LEU C 337 -7.54 4.54 12.82
N TYR C 338 -6.75 5.58 12.64
CA TYR C 338 -5.74 5.94 13.63
C TYR C 338 -6.10 7.16 14.48
N GLY C 339 -7.36 7.56 14.44
CA GLY C 339 -7.84 8.68 15.22
C GLY C 339 -7.25 10.07 15.05
N TYR C 340 -7.28 10.60 13.83
CA TYR C 340 -6.76 11.94 13.57
C TYR C 340 -7.94 12.83 13.25
N ASP C 341 -7.92 14.08 13.72
CA ASP C 341 -9.00 15.02 13.49
C ASP C 341 -8.77 15.87 12.25
N ASP C 342 -7.52 16.29 12.06
CA ASP C 342 -7.14 17.14 10.92
C ASP C 342 -6.28 16.41 9.90
N VAL C 343 -6.83 16.18 8.71
CA VAL C 343 -6.08 15.49 7.66
C VAL C 343 -4.62 15.90 7.65
N ARG C 344 -4.35 17.15 7.29
CA ARG C 344 -2.98 17.66 7.24
C ARG C 344 -2.10 17.28 8.42
N LYS C 345 -2.61 17.38 9.64
CA LYS C 345 -1.81 17.02 10.82
C LYS C 345 -1.55 15.53 10.90
N MET C 346 -2.28 14.77 10.09
CA MET C 346 -2.11 13.32 10.05
C MET C 346 -1.04 12.91 9.08
N VAL C 347 -1.24 13.31 7.82
CA VAL C 347 -0.29 12.97 6.76
C VAL C 347 1.00 13.79 6.77
N TYR C 348 0.93 15.07 7.12
CA TYR C 348 2.15 15.88 7.15
C TYR C 348 2.53 16.34 8.56
N PRO C 349 2.47 15.43 9.55
CA PRO C 349 2.82 15.81 10.93
C PRO C 349 4.14 16.54 11.06
N GLN C 350 5.14 16.14 10.27
CA GLN C 350 6.44 16.79 10.33
C GLN C 350 6.32 18.31 10.26
N ILE C 351 5.74 18.79 9.15
CA ILE C 351 5.54 20.22 8.92
C ILE C 351 4.74 20.89 10.03
N HIS C 352 3.56 20.38 10.32
CA HIS C 352 2.71 20.97 11.35
C HIS C 352 3.16 20.64 12.78
N GLY C 353 4.48 20.71 12.99
CA GLY C 353 5.08 20.44 14.29
C GLY C 353 4.35 19.49 15.22
N GLU C 354 4.36 18.20 14.88
CA GLU C 354 3.70 17.19 15.69
C GLU C 354 4.67 16.18 16.26
N ILE C 355 5.94 16.34 15.92
CA ILE C 355 6.99 15.47 16.42
C ILE C 355 6.71 15.14 17.89
N LYS C 356 6.98 13.91 18.29
CA LYS C 356 6.73 13.52 19.67
C LYS C 356 7.68 12.44 20.16
N LEU C 357 7.99 12.49 21.45
CA LEU C 357 8.86 11.51 22.09
C LEU C 357 8.17 11.05 23.36
N SER C 358 8.30 9.76 23.67
CA SER C 358 7.68 9.21 24.87
C SER C 358 8.51 9.60 26.08
N ASP C 359 7.91 9.47 27.26
CA ASP C 359 8.63 9.80 28.47
C ASP C 359 9.83 8.87 28.51
N LEU C 360 9.61 7.61 28.15
CA LEU C 360 10.67 6.63 28.14
C LEU C 360 11.82 7.08 27.26
N ASP C 361 11.50 7.62 26.08
CA ASP C 361 12.50 8.11 25.15
C ASP C 361 13.29 9.28 25.74
N ILE C 362 12.58 10.25 26.31
CA ILE C 362 13.24 11.39 26.93
C ILE C 362 14.16 10.88 28.03
N ALA C 363 13.70 9.86 28.75
CA ALA C 363 14.48 9.26 29.82
C ALA C 363 15.83 8.81 29.27
N ARG C 364 15.78 7.87 28.35
CA ARG C 364 16.98 7.34 27.70
C ARG C 364 17.98 8.46 27.36
N GLU C 365 17.46 9.63 27.04
CA GLU C 365 18.28 10.79 26.67
C GLU C 365 18.97 11.55 27.81
N ILE C 366 18.57 11.28 29.04
CA ILE C 366 19.14 11.94 30.20
C ILE C 366 20.33 11.12 30.66
N LYS C 367 21.53 11.62 30.38
CA LYS C 367 22.77 10.92 30.69
C LYS C 367 23.75 11.65 31.61
N VAL C 368 24.66 10.89 32.21
CA VAL C 368 25.70 11.44 33.09
C VAL C 368 26.75 12.11 32.20
N LYS C 369 27.27 13.26 32.62
CA LYS C 369 28.25 13.97 31.82
C LYS C 369 29.69 13.52 32.01
N GLU C 370 30.08 13.30 33.26
CA GLU C 370 31.43 12.85 33.54
C GLU C 370 31.37 11.60 34.40
N VAL C 371 31.83 10.48 33.82
CA VAL C 371 31.83 9.21 34.54
C VAL C 371 33.24 8.68 34.76
N PRO C 372 33.50 8.14 35.96
CA PRO C 372 34.81 7.59 36.31
C PRO C 372 35.33 6.68 35.20
N GLN C 373 36.54 6.96 34.75
CA GLN C 373 37.14 6.17 33.67
C GLN C 373 37.75 4.87 34.17
N THR C 374 38.36 4.91 35.36
CA THR C 374 38.98 3.72 35.92
C THR C 374 37.95 2.85 36.63
N ALA C 375 38.22 1.56 36.71
CA ALA C 375 37.32 0.63 37.37
C ALA C 375 37.22 0.98 38.84
N VAL C 376 38.26 1.63 39.36
CA VAL C 376 38.31 2.01 40.76
C VAL C 376 37.33 3.16 41.02
N GLY C 377 37.41 4.18 40.17
CA GLY C 377 36.54 5.34 40.31
C GLY C 377 35.10 4.95 40.61
N LEU C 378 34.60 3.96 39.89
CA LEU C 378 33.23 3.50 40.10
C LEU C 378 33.04 3.07 41.55
N LYS C 379 33.70 1.99 41.94
CA LYS C 379 33.58 1.49 43.30
C LYS C 379 33.91 2.56 44.34
N ILE C 380 34.44 3.69 43.88
CA ILE C 380 34.77 4.80 44.77
C ILE C 380 33.51 5.64 44.97
N ALA C 381 33.09 6.33 43.90
CA ALA C 381 31.90 7.16 43.97
C ALA C 381 30.75 6.31 44.52
N GLN C 382 30.74 5.05 44.14
CA GLN C 382 29.71 4.12 44.59
C GLN C 382 29.61 4.17 46.10
N SER C 383 30.75 4.05 46.77
CA SER C 383 30.77 4.11 48.21
C SER C 383 30.38 5.52 48.65
N ILE C 384 30.99 6.52 48.02
CA ILE C 384 30.70 7.92 48.33
C ILE C 384 29.22 8.09 48.61
N VAL C 385 28.42 7.35 47.85
CA VAL C 385 26.98 7.40 47.99
C VAL C 385 26.55 6.56 49.19
N GLU C 386 27.00 5.31 49.23
CA GLU C 386 26.66 4.40 50.31
C GLU C 386 26.72 5.07 51.68
N THR C 387 27.69 5.94 51.87
CA THR C 387 27.84 6.64 53.14
C THR C 387 26.72 7.65 53.35
N ALA C 388 26.70 8.68 52.51
CA ALA C 388 25.70 9.73 52.61
C ALA C 388 24.27 9.20 52.64
N GLU C 389 24.11 7.90 52.40
CA GLU C 389 22.77 7.31 52.43
C GLU C 389 22.30 7.11 53.87
N LYS C 390 23.23 6.73 54.74
CA LYS C 390 22.91 6.49 56.13
C LYS C 390 23.41 7.58 57.08
N HIS C 391 24.43 8.32 56.65
CA HIS C 391 24.99 9.38 57.49
C HIS C 391 24.58 10.79 57.07
N ALA C 392 23.53 10.89 56.27
CA ALA C 392 23.06 12.20 55.82
C ALA C 392 22.22 12.80 56.93
N SER C 393 22.54 12.43 58.17
CA SER C 393 21.80 12.91 59.33
C SER C 393 22.71 13.65 60.31
N GLU C 394 23.72 12.95 60.83
CA GLU C 394 24.67 13.51 61.79
C GLU C 394 24.90 15.00 61.60
N PRO C 395 24.73 15.80 62.68
CA PRO C 395 24.92 17.25 62.61
C PRO C 395 26.37 17.64 62.34
N SER C 396 26.56 18.68 61.53
CA SER C 396 27.89 19.15 61.18
C SER C 396 28.30 20.32 62.08
N PRO C 397 29.61 20.54 62.23
CA PRO C 397 30.70 19.78 61.62
C PRO C 397 30.85 18.34 62.12
N CYS C 398 31.16 17.44 61.19
CA CYS C 398 31.34 16.02 61.46
C CYS C 398 32.01 15.39 60.25
N SER C 399 32.41 14.12 60.35
CA SER C 399 33.06 13.46 59.23
C SER C 399 32.93 11.94 59.22
N PHE C 400 32.91 11.37 58.01
CA PHE C 400 32.80 9.93 57.82
C PHE C 400 33.67 9.48 56.65
N LEU C 401 34.53 8.50 56.92
CA LEU C 401 35.41 7.95 55.89
C LEU C 401 34.56 7.02 55.04
N ALA C 402 34.64 7.21 53.72
CA ALA C 402 33.86 6.40 52.80
C ALA C 402 34.69 5.31 52.12
N PHE C 403 35.78 5.72 51.47
CA PHE C 403 36.63 4.77 50.77
C PHE C 403 38.12 4.93 51.02
N GLU C 404 38.83 3.81 50.97
CA GLU C 404 40.27 3.77 51.19
C GLU C 404 40.87 2.70 50.27
N GLY C 405 41.73 3.12 49.35
CA GLY C 405 42.36 2.18 48.43
C GLY C 405 43.36 2.83 47.51
N GLU C 406 44.00 2.03 46.67
CA GLU C 406 44.99 2.56 45.72
C GLU C 406 44.48 2.60 44.29
N MET C 407 44.79 3.68 43.59
CA MET C 407 44.36 3.85 42.21
C MET C 407 45.51 4.37 41.34
N MET C 408 45.77 3.68 40.23
CA MET C 408 46.83 4.05 39.30
C MET C 408 48.24 3.92 39.88
N GLY C 409 48.37 4.04 41.20
CA GLY C 409 49.70 3.93 41.80
C GLY C 409 49.83 4.18 43.29
N ARG C 410 48.88 4.90 43.89
CA ARG C 410 48.96 5.19 45.32
C ARG C 410 47.65 5.23 46.11
N ASN C 411 47.72 4.82 47.37
CA ASN C 411 46.58 4.80 48.27
C ASN C 411 45.85 6.13 48.31
N VAL C 412 44.55 6.07 48.60
CA VAL C 412 43.73 7.27 48.67
C VAL C 412 42.56 7.07 49.64
N ARG C 413 42.12 8.16 50.25
CA ARG C 413 41.00 8.14 51.19
C ARG C 413 39.94 9.14 50.74
N VAL C 414 38.68 8.74 50.82
CA VAL C 414 37.58 9.62 50.42
C VAL C 414 36.80 10.10 51.63
N TYR C 415 36.63 11.41 51.73
CA TYR C 415 35.91 12.01 52.85
C TYR C 415 34.64 12.75 52.42
N VAL C 416 33.65 12.74 53.30
CA VAL C 416 32.36 13.40 53.05
C VAL C 416 31.92 14.12 54.33
N VAL C 417 31.80 15.44 54.27
CA VAL C 417 31.39 16.22 55.44
C VAL C 417 30.63 17.49 55.10
N ASN C 418 30.58 18.40 56.06
CA ASN C 418 29.90 19.68 55.92
C ASN C 418 30.54 20.64 56.92
N GLU C 419 31.47 21.45 56.43
CA GLU C 419 32.20 22.40 57.26
C GLU C 419 31.33 23.42 57.99
N ASN C 420 30.11 23.61 57.52
CA ASN C 420 29.20 24.59 58.14
C ASN C 420 28.70 24.20 59.53
N GLU C 421 28.30 25.22 60.28
CA GLU C 421 27.80 25.06 61.64
C GLU C 421 26.50 24.26 61.65
N ASN C 422 25.92 24.11 62.85
CA ASN C 422 24.67 23.39 63.06
C ASN C 422 23.83 23.23 61.79
N THR C 423 23.65 21.98 61.37
CA THR C 423 22.88 21.66 60.17
C THR C 423 22.93 20.14 59.96
N LYS C 424 22.87 19.72 58.71
CA LYS C 424 22.93 18.29 58.38
C LYS C 424 24.04 18.01 57.37
N LEU C 425 24.58 16.80 57.40
CA LEU C 425 25.65 16.41 56.50
C LEU C 425 25.25 16.65 55.05
N CYS C 426 24.13 16.06 54.64
CA CYS C 426 23.63 16.21 53.28
C CYS C 426 22.40 17.08 53.23
N GLY C 427 22.23 17.79 52.12
CA GLY C 427 21.07 18.65 51.94
C GLY C 427 19.82 17.80 51.96
N PRO C 428 18.65 18.38 52.27
CA PRO C 428 17.42 17.59 52.31
C PRO C 428 17.05 16.97 50.95
N ALA C 429 17.82 17.28 49.92
CA ALA C 429 17.53 16.77 48.58
C ALA C 429 18.60 15.86 47.98
N TYR C 430 19.38 15.19 48.83
CA TYR C 430 20.41 14.32 48.31
C TYR C 430 19.79 13.10 47.65
N ALA C 431 18.67 12.64 48.19
CA ALA C 431 17.99 11.45 47.69
C ALA C 431 16.81 11.68 46.74
N ASN C 432 16.86 12.75 45.96
CA ASN C 432 15.79 13.04 45.01
C ASN C 432 16.08 12.33 43.70
N GLU C 433 15.08 11.67 43.15
CA GLU C 433 15.22 10.94 41.90
C GLU C 433 14.71 11.73 40.70
N VAL C 434 15.44 11.66 39.60
CA VAL C 434 15.03 12.35 38.39
C VAL C 434 14.06 11.41 37.68
N VAL C 435 12.90 11.92 37.29
CA VAL C 435 11.91 11.11 36.59
C VAL C 435 11.25 11.96 35.53
N VAL C 436 10.77 11.34 34.45
CA VAL C 436 10.10 12.08 33.39
C VAL C 436 8.62 11.78 33.45
N TYR C 437 7.81 12.72 32.98
CA TYR C 437 6.35 12.57 33.01
C TYR C 437 5.70 13.63 32.13
N LYS C 438 4.76 13.20 31.29
CA LYS C 438 4.04 14.10 30.40
C LYS C 438 4.93 15.11 29.65
N GLY C 439 6.17 14.73 29.37
CA GLY C 439 7.06 15.61 28.64
C GLY C 439 7.95 16.51 29.47
N ASP C 440 7.86 16.38 30.79
CA ASP C 440 8.66 17.20 31.69
C ASP C 440 9.69 16.39 32.46
N ILE C 441 10.83 17.01 32.70
CA ILE C 441 11.90 16.37 33.44
C ILE C 441 11.90 16.95 34.84
N TYR C 442 11.33 16.22 35.78
CA TYR C 442 11.28 16.69 37.15
C TYR C 442 12.40 16.09 37.98
N GLY C 443 12.60 16.67 39.16
CA GLY C 443 13.59 16.19 40.09
C GLY C 443 12.80 16.20 41.38
N ILE C 444 12.45 15.04 41.90
CA ILE C 444 11.63 14.97 43.10
C ILE C 444 11.95 13.82 44.06
N PRO C 445 11.59 13.98 45.34
CA PRO C 445 11.84 12.95 46.35
C PRO C 445 10.71 11.93 46.32
N LYS C 446 11.06 10.65 46.42
CA LYS C 446 10.07 9.58 46.39
C LYS C 446 9.16 9.68 47.61
N THR C 447 8.20 10.59 47.53
CA THR C 447 7.25 10.82 48.61
C THR C 447 5.84 10.53 48.15
N LYS C 448 5.03 9.98 49.05
CA LYS C 448 3.63 9.64 48.76
C LYS C 448 2.93 10.75 47.98
N LYS C 449 3.48 11.95 48.06
CA LYS C 449 2.95 13.11 47.37
C LYS C 449 3.19 12.95 45.85
N TRP C 450 4.44 12.71 45.48
CA TRP C 450 4.82 12.56 44.08
C TRP C 450 4.55 11.20 43.47
N ARG C 451 4.12 10.25 44.28
CA ARG C 451 3.81 8.90 43.82
C ARG C 451 3.44 8.83 42.34
N SER C 452 2.23 9.25 41.99
CA SER C 452 1.79 9.20 40.59
C SER C 452 2.97 9.40 39.64
N PHE C 453 3.66 10.52 39.75
CA PHE C 453 4.80 10.78 38.88
C PHE C 453 5.71 9.56 38.81
N PHE C 454 5.94 8.92 39.94
CA PHE C 454 6.81 7.75 40.01
C PHE C 454 6.14 6.47 39.55
N GLU C 455 4.82 6.52 39.31
CA GLU C 455 4.10 5.32 38.87
C GLU C 455 3.36 5.51 37.55
N GLU C 456 3.78 6.50 36.76
CA GLU C 456 3.14 6.76 35.48
C GLU C 456 4.14 7.45 34.56
N GLY C 457 5.29 7.77 35.14
CA GLY C 457 6.36 8.40 34.38
C GLY C 457 7.51 7.43 34.37
N VAL C 458 8.59 7.77 33.70
CA VAL C 458 9.70 6.84 33.68
C VAL C 458 10.88 7.40 34.48
N PRO C 459 11.06 6.87 35.70
CA PRO C 459 12.13 7.26 36.62
C PRO C 459 13.50 6.88 36.07
N THR C 460 14.41 7.84 36.06
CA THR C 460 15.76 7.64 35.54
C THR C 460 16.55 6.64 36.35
N GLY C 461 16.30 6.60 37.66
CA GLY C 461 17.02 5.68 38.52
C GLY C 461 18.27 6.39 38.98
N ILE C 462 18.37 7.66 38.59
CA ILE C 462 19.50 8.50 38.94
C ILE C 462 19.10 9.54 40.00
N ARG C 463 19.68 9.40 41.19
CA ARG C 463 19.38 10.31 42.28
C ARG C 463 20.50 11.36 42.39
N TYR C 464 20.17 12.50 43.00
CA TYR C 464 21.12 13.59 43.17
C TYR C 464 22.52 13.12 43.60
N ILE C 465 22.61 12.36 44.67
CA ILE C 465 23.89 11.86 45.13
C ILE C 465 24.50 11.02 44.00
N ASP C 466 23.75 10.02 43.56
CA ASP C 466 24.16 9.11 42.49
C ASP C 466 24.85 9.87 41.36
N GLY C 467 24.23 10.96 40.93
CA GLY C 467 24.79 11.75 39.85
C GLY C 467 26.00 12.56 40.23
N PHE C 468 26.00 13.05 41.46
CA PHE C 468 27.11 13.87 41.94
C PHE C 468 28.37 13.03 42.17
N ALA C 469 28.22 11.97 42.94
CA ALA C 469 29.32 11.07 43.25
C ALA C 469 30.23 10.80 42.05
N TYR C 470 29.64 10.53 40.89
CA TYR C 470 30.43 10.24 39.71
C TYR C 470 31.36 11.41 39.40
N TYR C 471 30.84 12.63 39.50
CA TYR C 471 31.63 13.83 39.26
C TYR C 471 32.80 13.83 40.23
N ALA C 472 32.49 13.49 41.48
CA ALA C 472 33.51 13.45 42.51
C ALA C 472 34.59 12.43 42.16
N ALA C 473 34.22 11.15 42.22
CA ALA C 473 35.15 10.08 41.92
C ALA C 473 36.01 10.36 40.68
N ARG C 474 35.38 10.76 39.58
CA ARG C 474 36.12 11.04 38.37
C ARG C 474 36.96 12.30 38.55
N LYS C 475 36.69 13.04 39.62
CA LYS C 475 37.43 14.26 39.89
C LYS C 475 38.74 13.99 40.62
N VAL C 476 38.72 13.05 41.58
CA VAL C 476 39.94 12.72 42.29
C VAL C 476 40.86 12.06 41.28
N GLU C 477 40.22 11.42 40.30
CA GLU C 477 40.90 10.72 39.23
C GLU C 477 41.72 11.71 38.41
N GLU C 478 41.22 12.95 38.31
CA GLU C 478 41.91 14.00 37.57
C GLU C 478 43.15 14.44 38.35
N ALA C 479 43.04 14.43 39.67
CA ALA C 479 44.16 14.82 40.52
C ALA C 479 45.17 13.69 40.63
N ALA C 480 44.66 12.45 40.63
CA ALA C 480 45.53 11.28 40.72
C ALA C 480 46.59 11.30 39.63
N MET C 481 46.16 11.53 38.39
CA MET C 481 47.09 11.59 37.26
C MET C 481 47.61 13.02 37.09
N ARG C 482 47.40 13.84 38.10
CA ARG C 482 47.84 15.24 38.09
C ARG C 482 48.93 15.44 39.14
N GLU C 483 49.19 14.40 39.91
CA GLU C 483 50.21 14.41 40.96
C GLU C 483 49.76 15.07 42.25
N GLN C 484 48.58 15.70 42.25
CA GLN C 484 48.06 16.36 43.43
C GLN C 484 48.02 15.48 44.68
N GLU C 485 47.34 15.96 45.71
CA GLU C 485 47.25 15.22 46.96
C GLU C 485 46.03 15.58 47.80
N GLU C 486 45.15 16.42 47.27
CA GLU C 486 43.95 16.83 47.99
C GLU C 486 42.98 17.57 47.07
N VAL C 487 41.74 17.07 47.00
CA VAL C 487 40.72 17.66 46.15
C VAL C 487 39.43 17.98 46.88
N LYS C 488 38.94 19.20 46.65
CA LYS C 488 37.71 19.68 47.27
C LYS C 488 36.59 19.73 46.25
N VAL C 489 35.71 18.73 46.30
CA VAL C 489 34.57 18.67 45.40
C VAL C 489 33.30 18.82 46.23
N LYS C 490 32.70 20.00 46.18
CA LYS C 490 31.49 20.27 46.94
C LYS C 490 30.37 20.72 46.02
N ALA C 491 29.15 20.71 46.55
CA ALA C 491 27.98 21.11 45.77
C ALA C 491 26.89 21.63 46.69
N ARG C 492 26.43 22.86 46.44
CA ARG C 492 25.39 23.46 47.24
C ARG C 492 24.04 23.31 46.57
N ILE C 493 23.67 24.31 45.78
CA ILE C 493 22.40 24.33 45.09
C ILE C 493 22.39 23.58 43.76
N VAL C 494 21.18 23.25 43.32
CA VAL C 494 20.96 22.55 42.06
C VAL C 494 19.90 23.33 41.29
N GLU C 495 20.32 24.04 40.25
CA GLU C 495 19.36 24.82 39.46
C GLU C 495 19.14 24.24 38.07
N ASN C 496 19.64 23.04 37.84
CA ASN C 496 19.48 22.36 36.56
C ASN C 496 20.18 21.01 36.56
N LEU C 497 20.18 20.34 35.41
CA LEU C 497 20.82 19.05 35.30
C LEU C 497 22.32 19.22 35.44
N SER C 498 22.83 20.31 34.86
CA SER C 498 24.26 20.60 34.91
C SER C 498 24.83 20.43 36.30
N ASP C 499 24.27 21.16 37.27
CA ASP C 499 24.73 21.11 38.65
C ASP C 499 24.69 19.71 39.26
N ILE C 500 24.14 18.75 38.54
CA ILE C 500 24.05 17.39 39.07
C ILE C 500 24.77 16.35 38.19
N ASN C 501 25.64 16.82 37.32
CA ASN C 501 26.41 15.95 36.43
C ASN C 501 25.50 15.14 35.52
N LEU C 502 24.57 15.82 34.89
CA LEU C 502 23.62 15.19 33.99
C LEU C 502 23.39 16.07 32.77
N TYR C 503 23.05 15.46 31.64
CA TYR C 503 22.81 16.25 30.44
C TYR C 503 21.90 15.54 29.45
N ILE C 504 21.48 16.31 28.45
CA ILE C 504 20.63 15.80 27.39
C ILE C 504 21.11 16.49 26.12
N HIS C 505 21.15 15.74 25.03
CA HIS C 505 21.59 16.29 23.77
C HIS C 505 20.83 17.56 23.42
N GLU C 506 21.54 18.54 22.88
CA GLU C 506 20.93 19.80 22.53
C GLU C 506 19.63 19.65 21.72
N ASN C 507 19.53 18.62 20.90
CA ASN C 507 18.33 18.43 20.10
C ASN C 507 17.12 18.05 20.94
N VAL C 508 17.33 17.33 22.04
CA VAL C 508 16.19 16.96 22.86
C VAL C 508 15.79 18.16 23.69
N ARG C 509 16.77 19.02 23.97
CA ARG C 509 16.48 20.22 24.73
C ARG C 509 15.55 21.03 23.85
N ARG C 510 16.02 21.38 22.65
CA ARG C 510 15.21 22.15 21.71
C ARG C 510 13.88 21.47 21.52
N TYR C 511 13.83 20.16 21.79
CA TYR C 511 12.59 19.42 21.64
C TYR C 511 11.65 19.87 22.74
N ILE C 512 11.97 19.49 23.97
CA ILE C 512 11.18 19.85 25.13
C ILE C 512 10.78 21.32 25.01
N LEU C 513 11.73 22.16 24.61
CA LEU C 513 11.44 23.57 24.45
C LEU C 513 10.28 23.72 23.47
N TRP C 514 10.47 23.22 22.25
CA TRP C 514 9.43 23.28 21.23
C TRP C 514 8.08 22.74 21.71
N LYS C 515 8.13 21.68 22.51
CA LYS C 515 6.91 21.09 23.05
C LYS C 515 6.47 21.84 24.31
N LYS C 516 7.05 23.01 24.51
CA LYS C 516 6.72 23.83 25.67
C LYS C 516 6.67 22.99 26.93
N GLY C 517 7.72 22.19 27.13
CA GLY C 517 7.81 21.35 28.29
C GLY C 517 8.87 21.97 29.16
N LYS C 518 8.85 21.67 30.45
CA LYS C 518 9.81 22.26 31.37
C LYS C 518 10.68 21.25 32.10
N ILE C 519 11.77 21.76 32.66
CA ILE C 519 12.70 20.94 33.41
C ILE C 519 12.88 21.54 34.80
N ASP C 520 12.15 21.00 35.77
CA ASP C 520 12.22 21.49 37.14
C ASP C 520 13.18 20.67 37.98
N VAL C 521 14.47 20.78 37.69
CA VAL C 521 15.48 20.04 38.44
C VAL C 521 16.16 21.00 39.40
N ARG C 522 15.62 21.10 40.61
CA ARG C 522 16.17 22.00 41.62
C ARG C 522 16.20 21.37 43.00
N GLY C 523 16.76 22.10 43.96
CA GLY C 523 16.83 21.60 45.32
C GLY C 523 18.19 21.75 45.98
N PRO C 524 18.21 21.95 47.31
CA PRO C 524 19.46 22.11 48.07
C PRO C 524 20.13 20.78 48.32
N LEU C 525 21.25 20.55 47.64
CA LEU C 525 21.99 19.30 47.78
C LEU C 525 22.94 19.39 48.97
N PHE C 526 23.66 20.50 49.07
CA PHE C 526 24.61 20.70 50.17
C PHE C 526 25.36 19.41 50.48
N VAL C 527 26.41 19.14 49.70
CA VAL C 527 27.21 17.95 49.90
C VAL C 527 28.63 18.21 49.43
N THR C 528 29.59 17.97 50.32
CA THR C 528 30.99 18.19 50.01
C THR C 528 31.78 16.89 50.11
N VAL C 529 32.85 16.78 49.34
CA VAL C 529 33.69 15.59 49.34
C VAL C 529 35.16 15.93 49.14
N LYS C 530 35.98 15.53 50.11
CA LYS C 530 37.42 15.77 50.05
C LYS C 530 38.14 14.43 49.94
N ALA C 531 39.18 14.40 49.11
CA ALA C 531 39.97 13.20 48.91
C ALA C 531 41.45 13.56 48.96
N GLU C 532 42.25 12.68 49.53
CA GLU C 532 43.68 12.93 49.65
C GLU C 532 44.52 11.74 49.19
N ILE C 533 45.39 11.99 48.22
CA ILE C 533 46.27 10.95 47.71
C ILE C 533 47.69 11.28 48.15
N GLU C 534 48.51 10.25 48.36
CA GLU C 534 49.89 10.45 48.80
C GLU C 534 50.87 9.56 48.05
#